data_1UHX
# 
_entry.id   1UHX 
# 
_audit_conform.dict_name       mmcif_pdbx.dic 
_audit_conform.dict_version    5.383 
_audit_conform.dict_location   http://mmcif.pdb.org/dictionaries/ascii/mmcif_pdbx.dic 
# 
loop_
_database_2.database_id 
_database_2.database_code 
_database_2.pdbx_database_accession 
_database_2.pdbx_DOI 
PDB   1UHX         pdb_00001uhx 10.2210/pdb1uhx/pdb 
NDB   UD0036       ?            ?                   
RCSB  RCSB005847   ?            ?                   
WWPDB D_1000005847 ?            ?                   
# 
loop_
_pdbx_audit_revision_history.ordinal 
_pdbx_audit_revision_history.data_content_type 
_pdbx_audit_revision_history.major_revision 
_pdbx_audit_revision_history.minor_revision 
_pdbx_audit_revision_history.revision_date 
1 'Structure model' 1 0 2004-02-03 
2 'Structure model' 1 1 2008-04-27 
3 'Structure model' 1 2 2011-07-13 
4 'Structure model' 1 3 2014-10-22 
5 'Structure model' 1 4 2023-12-27 
# 
_pdbx_audit_revision_details.ordinal             1 
_pdbx_audit_revision_details.revision_ordinal    1 
_pdbx_audit_revision_details.data_content_type   'Structure model' 
_pdbx_audit_revision_details.provider            repository 
_pdbx_audit_revision_details.type                'Initial release' 
_pdbx_audit_revision_details.description         ? 
_pdbx_audit_revision_details.details             ? 
# 
loop_
_pdbx_audit_revision_group.ordinal 
_pdbx_audit_revision_group.revision_ordinal 
_pdbx_audit_revision_group.data_content_type 
_pdbx_audit_revision_group.group 
1 2 'Structure model' 'Version format compliance' 
2 3 'Structure model' 'Version format compliance' 
3 4 'Structure model' 'Derived calculations'      
4 5 'Structure model' 'Data collection'           
5 5 'Structure model' 'Database references'       
6 5 'Structure model' 'Derived calculations'      
# 
loop_
_pdbx_audit_revision_category.ordinal 
_pdbx_audit_revision_category.revision_ordinal 
_pdbx_audit_revision_category.data_content_type 
_pdbx_audit_revision_category.category 
1 5 'Structure model' chem_comp_atom         
2 5 'Structure model' chem_comp_bond         
3 5 'Structure model' database_2             
4 5 'Structure model' pdbx_struct_conn_angle 
5 5 'Structure model' struct_conn            
6 5 'Structure model' struct_conn_type       
7 5 'Structure model' struct_site            
# 
loop_
_pdbx_audit_revision_item.ordinal 
_pdbx_audit_revision_item.revision_ordinal 
_pdbx_audit_revision_item.data_content_type 
_pdbx_audit_revision_item.item 
1  5 'Structure model' '_database_2.pdbx_DOI'                      
2  5 'Structure model' '_database_2.pdbx_database_accession'       
3  5 'Structure model' '_pdbx_struct_conn_angle.ptnr1_auth_seq_id' 
4  5 'Structure model' '_pdbx_struct_conn_angle.ptnr3_auth_seq_id' 
5  5 'Structure model' '_pdbx_struct_conn_angle.value'             
6  5 'Structure model' '_struct_conn.conn_type_id'                 
7  5 'Structure model' '_struct_conn.id'                           
8  5 'Structure model' '_struct_conn.pdbx_dist_value'              
9  5 'Structure model' '_struct_conn.pdbx_leaving_atom_flag'       
10 5 'Structure model' '_struct_conn.ptnr1_auth_comp_id'           
11 5 'Structure model' '_struct_conn.ptnr1_auth_seq_id'            
12 5 'Structure model' '_struct_conn.ptnr1_label_asym_id'          
13 5 'Structure model' '_struct_conn.ptnr1_label_atom_id'          
14 5 'Structure model' '_struct_conn.ptnr1_label_comp_id'          
15 5 'Structure model' '_struct_conn.ptnr1_label_seq_id'           
16 5 'Structure model' '_struct_conn.ptnr2_auth_comp_id'           
17 5 'Structure model' '_struct_conn.ptnr2_auth_seq_id'            
18 5 'Structure model' '_struct_conn.ptnr2_label_asym_id'          
19 5 'Structure model' '_struct_conn.ptnr2_label_atom_id'          
20 5 'Structure model' '_struct_conn.ptnr2_label_comp_id'          
21 5 'Structure model' '_struct_conn.ptnr2_label_seq_id'           
22 5 'Structure model' '_struct_conn_type.id'                      
23 5 'Structure model' '_struct_site.pdbx_auth_asym_id'            
24 5 'Structure model' '_struct_site.pdbx_auth_comp_id'            
25 5 'Structure model' '_struct_site.pdbx_auth_seq_id'             
# 
_pdbx_database_status.status_code                     REL 
_pdbx_database_status.entry_id                        1UHX 
_pdbx_database_status.recvd_initial_deposition_date   2003-07-13 
_pdbx_database_status.deposit_site                    PDBJ 
_pdbx_database_status.process_site                    PDBJ 
_pdbx_database_status.SG_entry                        ? 
_pdbx_database_status.status_code_sf                  ? 
_pdbx_database_status.status_code_mr                  ? 
_pdbx_database_status.status_code_cs                  ? 
_pdbx_database_status.methods_development_category    ? 
_pdbx_database_status.pdb_format_compatible           Y 
_pdbx_database_status.status_code_nmr_data            ? 
# 
_pdbx_database_related.db_name        PDB 
_pdbx_database_related.db_id          1UHY 
_pdbx_database_related.details        'Crystal structure of d(GCGATAGC)' 
_pdbx_database_related.content_type   unspecified 
# 
loop_
_audit_author.name 
_audit_author.pdbx_ordinal 
'Kondo, J.'    1 
'Umeda, S.I.'  2 
'Fujita, K.'   3 
'Sunami, T.'   4 
'Takenaka, A.' 5 
# 
_citation.id                        primary 
_citation.title                     
;X-ray analyses of d(GCGAXAGC) containing G and T at X: the base-intercalated duplex is still stable even in point mutants at the fifth residue.
;
_citation.journal_abbrev            'J.Synchrotron Radiat.' 
_citation.journal_volume            11 
_citation.page_first                117 
_citation.page_last                 120 
_citation.year                      2004 
_citation.journal_id_ASTM           JSYRES 
_citation.country                   DK 
_citation.journal_id_ISSN           0909-0495 
_citation.journal_id_CSD            1210 
_citation.book_publisher            ? 
_citation.pdbx_database_id_PubMed   14646150 
_citation.pdbx_database_id_DOI      10.1107/S0909049503023562 
# 
loop_
_citation_author.citation_id 
_citation_author.name 
_citation_author.ordinal 
_citation_author.identifier_ORCID 
primary 'Kondo, J.'    1 ? 
primary 'Umeda, S.I.'  2 ? 
primary 'Fujita, K.'   3 ? 
primary 'Sunami, T.'   4 ? 
primary 'Takenaka, A.' 5 ? 
# 
loop_
_entity.id 
_entity.type 
_entity.src_method 
_entity.pdbx_description 
_entity.formula_weight 
_entity.pdbx_number_of_molecules 
_entity.pdbx_ec 
_entity.pdbx_mutation 
_entity.pdbx_fragment 
_entity.details 
1 polymer     syn "5'-D(*GP*(CBR)P*GP*AP*GP*AP*GP*C)-3'" 2555.539 1  ? ? ? ? 
2 non-polymer syn 'MAGNESIUM ION'                        24.305   1  ? ? ? ? 
3 non-polymer syn 'CHLORIDE ION'                         35.453   1  ? ? ? ? 
4 non-polymer syn 'SODIUM ION'                           22.990   1  ? ? ? ? 
5 non-polymer syn 'COBALT HEXAMMINE(III)'                161.116  1  ? ? ? ? 
6 water       nat water                                  18.015   69 ? ? ? ? 
# 
_entity_poly.entity_id                      1 
_entity_poly.type                           polydeoxyribonucleotide 
_entity_poly.nstd_linkage                   no 
_entity_poly.nstd_monomer                   yes 
_entity_poly.pdbx_seq_one_letter_code       '(DG)(CBR)(DG)(DA)(DG)(DA)(DG)(DC)' 
_entity_poly.pdbx_seq_one_letter_code_can   GCGAGAGC 
_entity_poly.pdbx_strand_id                 A 
_entity_poly.pdbx_target_identifier         ? 
# 
loop_
_pdbx_entity_nonpoly.entity_id 
_pdbx_entity_nonpoly.name 
_pdbx_entity_nonpoly.comp_id 
2 'MAGNESIUM ION'         MG  
3 'CHLORIDE ION'          CL  
4 'SODIUM ION'            NA  
5 'COBALT HEXAMMINE(III)' NCO 
6 water                   HOH 
# 
loop_
_entity_poly_seq.entity_id 
_entity_poly_seq.num 
_entity_poly_seq.mon_id 
_entity_poly_seq.hetero 
1 1 DG  n 
1 2 CBR n 
1 3 DG  n 
1 4 DA  n 
1 5 DG  n 
1 6 DA  n 
1 7 DG  n 
1 8 DC  n 
# 
loop_
_chem_comp.id 
_chem_comp.type 
_chem_comp.mon_nstd_flag 
_chem_comp.name 
_chem_comp.pdbx_synonyms 
_chem_comp.formula 
_chem_comp.formula_weight 
CBR 'DNA linking' n "5-BROMO-2'-DEOXY-CYTIDINE-5'-MONOPHOSPHATE" ? 'C9 H13 Br N3 O7 P' 386.093 
CL  non-polymer   . 'CHLORIDE ION'                               ? 'Cl -1'             35.453  
DA  'DNA linking' y "2'-DEOXYADENOSINE-5'-MONOPHOSPHATE"         ? 'C10 H14 N5 O6 P'   331.222 
DC  'DNA linking' y "2'-DEOXYCYTIDINE-5'-MONOPHOSPHATE"          ? 'C9 H14 N3 O7 P'    307.197 
DG  'DNA linking' y "2'-DEOXYGUANOSINE-5'-MONOPHOSPHATE"         ? 'C10 H14 N5 O7 P'   347.221 
HOH non-polymer   . WATER                                        ? 'H2 O'              18.015  
MG  non-polymer   . 'MAGNESIUM ION'                              ? 'Mg 2'              24.305  
NA  non-polymer   . 'SODIUM ION'                                 ? 'Na 1'              22.990  
NCO non-polymer   . 'COBALT HEXAMMINE(III)'                      ? 'Co H18 N6 3'       161.116 
# 
loop_
_pdbx_poly_seq_scheme.asym_id 
_pdbx_poly_seq_scheme.entity_id 
_pdbx_poly_seq_scheme.seq_id 
_pdbx_poly_seq_scheme.mon_id 
_pdbx_poly_seq_scheme.ndb_seq_num 
_pdbx_poly_seq_scheme.pdb_seq_num 
_pdbx_poly_seq_scheme.auth_seq_num 
_pdbx_poly_seq_scheme.pdb_mon_id 
_pdbx_poly_seq_scheme.auth_mon_id 
_pdbx_poly_seq_scheme.pdb_strand_id 
_pdbx_poly_seq_scheme.pdb_ins_code 
_pdbx_poly_seq_scheme.hetero 
A 1 1 DG  1 1 1 DG  G   A . n 
A 1 2 CBR 2 2 2 CBR BRO A . n 
A 1 3 DG  3 3 3 DG  G   A . n 
A 1 4 DA  4 4 4 DA  A   A . n 
A 1 5 DG  5 5 5 DG  G   A . n 
A 1 6 DA  6 6 6 DA  A   A . n 
A 1 7 DG  7 7 7 DG  G   A . n 
A 1 8 DC  8 8 8 DC  C   A . n 
# 
loop_
_pdbx_nonpoly_scheme.asym_id 
_pdbx_nonpoly_scheme.entity_id 
_pdbx_nonpoly_scheme.mon_id 
_pdbx_nonpoly_scheme.ndb_seq_num 
_pdbx_nonpoly_scheme.pdb_seq_num 
_pdbx_nonpoly_scheme.auth_seq_num 
_pdbx_nonpoly_scheme.pdb_mon_id 
_pdbx_nonpoly_scheme.auth_mon_id 
_pdbx_nonpoly_scheme.pdb_strand_id 
_pdbx_nonpoly_scheme.pdb_ins_code 
B 2 MG  1  79 79 MG  MG  A . 
C 3 CL  1  80 80 CL  CL  A . 
D 4 NA  1  81 81 NA  NA  A . 
E 5 NCO 1  78 78 NCO NCO A . 
F 6 HOH 1  9  9  HOH HOH A . 
F 6 HOH 2  10 10 HOH HOH A . 
F 6 HOH 3  11 11 HOH HOH A . 
F 6 HOH 4  12 12 HOH HOH A . 
F 6 HOH 5  13 13 HOH HOH A . 
F 6 HOH 6  14 14 HOH HOH A . 
F 6 HOH 7  15 15 HOH HOH A . 
F 6 HOH 8  16 16 HOH HOH A . 
F 6 HOH 9  17 17 HOH HOH A . 
F 6 HOH 10 18 18 HOH HOH A . 
F 6 HOH 11 19 19 HOH HOH A . 
F 6 HOH 12 20 20 HOH HOH A . 
F 6 HOH 13 21 21 HOH HOH A . 
F 6 HOH 14 22 22 HOH HOH A . 
F 6 HOH 15 23 23 HOH HOH A . 
F 6 HOH 16 24 24 HOH HOH A . 
F 6 HOH 17 25 25 HOH HOH A . 
F 6 HOH 18 26 26 HOH HOH A . 
F 6 HOH 19 27 27 HOH HOH A . 
F 6 HOH 20 28 28 HOH HOH A . 
F 6 HOH 21 29 29 HOH HOH A . 
F 6 HOH 22 30 30 HOH HOH A . 
F 6 HOH 23 31 31 HOH HOH A . 
F 6 HOH 24 32 32 HOH HOH A . 
F 6 HOH 25 33 33 HOH HOH A . 
F 6 HOH 26 34 34 HOH HOH A . 
F 6 HOH 27 35 35 HOH HOH A . 
F 6 HOH 28 36 36 HOH HOH A . 
F 6 HOH 29 37 37 HOH HOH A . 
F 6 HOH 30 38 38 HOH HOH A . 
F 6 HOH 31 39 39 HOH HOH A . 
F 6 HOH 32 40 40 HOH HOH A . 
F 6 HOH 33 41 41 HOH HOH A . 
F 6 HOH 34 42 42 HOH HOH A . 
F 6 HOH 35 43 43 HOH HOH A . 
F 6 HOH 36 44 44 HOH HOH A . 
F 6 HOH 37 45 45 HOH HOH A . 
F 6 HOH 38 46 46 HOH HOH A . 
F 6 HOH 39 47 47 HOH HOH A . 
F 6 HOH 40 48 48 HOH HOH A . 
F 6 HOH 41 49 49 HOH HOH A . 
F 6 HOH 42 50 50 HOH HOH A . 
F 6 HOH 43 51 51 HOH HOH A . 
F 6 HOH 44 52 52 HOH HOH A . 
F 6 HOH 45 53 53 HOH HOH A . 
F 6 HOH 46 54 54 HOH HOH A . 
F 6 HOH 47 55 55 HOH HOH A . 
F 6 HOH 48 56 56 HOH HOH A . 
F 6 HOH 49 57 57 HOH HOH A . 
F 6 HOH 50 58 58 HOH HOH A . 
F 6 HOH 51 59 59 HOH HOH A . 
F 6 HOH 52 60 60 HOH HOH A . 
F 6 HOH 53 61 61 HOH HOH A . 
F 6 HOH 54 62 62 HOH HOH A . 
F 6 HOH 55 63 63 HOH HOH A . 
F 6 HOH 56 64 64 HOH HOH A . 
F 6 HOH 57 65 65 HOH HOH A . 
F 6 HOH 58 66 66 HOH HOH A . 
F 6 HOH 59 67 67 HOH HOH A . 
F 6 HOH 60 68 68 HOH HOH A . 
F 6 HOH 61 69 69 HOH HOH A . 
F 6 HOH 62 70 70 HOH HOH A . 
F 6 HOH 63 71 71 HOH HOH A . 
F 6 HOH 64 72 72 HOH HOH A . 
F 6 HOH 65 73 73 HOH HOH A . 
F 6 HOH 66 74 74 HOH HOH A . 
F 6 HOH 67 75 75 HOH HOH A . 
F 6 HOH 68 76 76 HOH HOH A . 
F 6 HOH 69 77 77 HOH HOH A . 
# 
loop_
_software.name 
_software.classification 
_software.version 
_software.citation_id 
_software.pdbx_ordinal 
MOSFLM 'data reduction' .         ? 1 
SCALA  'data scaling'   .         ? 2 
AMoRE  phasing          .         ? 3 
CNS    refinement       1.0       ? 4 
CCP4   'data scaling'   '(SCALA)' ? 5 
# 
_cell.entry_id           1UHX 
_cell.length_a           37.670 
_cell.length_b           37.670 
_cell.length_c           65.490 
_cell.angle_alpha        90.00 
_cell.angle_beta         90.00 
_cell.angle_gamma        120.00 
_cell.Z_PDB              12 
_cell.pdbx_unique_axis   ? 
_cell.length_a_esd       ? 
_cell.length_b_esd       ? 
_cell.length_c_esd       ? 
_cell.angle_alpha_esd    ? 
_cell.angle_beta_esd     ? 
_cell.angle_gamma_esd    ? 
# 
_symmetry.entry_id                         1UHX 
_symmetry.space_group_name_H-M             'P 63 2 2' 
_symmetry.pdbx_full_space_group_name_H-M   ? 
_symmetry.cell_setting                     ? 
_symmetry.Int_Tables_number                182 
_symmetry.space_group_name_Hall            ? 
# 
_exptl.entry_id          1UHX 
_exptl.method            'X-RAY DIFFRACTION' 
_exptl.crystals_number   1 
# 
_exptl_crystal.id                    1 
_exptl_crystal.density_meas          ? 
_exptl_crystal.density_Matthews      1.96 
_exptl_crystal.density_percent_sol   36.60 
_exptl_crystal.description           ? 
_exptl_crystal.F_000                 ? 
_exptl_crystal.preparation           ? 
# 
_exptl_crystal_grow.crystal_id      1 
_exptl_crystal_grow.method          'VAPOR DIFFUSION, HANGING DROP' 
_exptl_crystal_grow.temp            277 
_exptl_crystal_grow.temp_details    ? 
_exptl_crystal_grow.pH              7.0 
_exptl_crystal_grow.pdbx_details    
;2-methyl-2,4-pentandiol, hexamine cobalt chloride, magnesium chloride, sodium succinate, pH 7.0, VAPOR DIFFUSION, HANGING DROP, temperature 277K
;
_exptl_crystal_grow.pdbx_pH_range   . 
# 
loop_
_exptl_crystal_grow_comp.crystal_id 
_exptl_crystal_grow_comp.id 
_exptl_crystal_grow_comp.sol_id 
_exptl_crystal_grow_comp.name 
_exptl_crystal_grow_comp.volume 
_exptl_crystal_grow_comp.conc 
_exptl_crystal_grow_comp.details 
1 1 1 2-methyl-2,4-pentandiol    ? ? ? 
1 2 1 'hexamine cobalt chloride' ? ? ? 
1 3 1 'magnesium chloride'       ? ? ? 
1 4 1 'sodium succinate'         ? ? ? 
1 5 2 'hexamine cobalt chloride' ? ? ? 
1 6 2 'magnesium chloride'       ? ? ? 
1 7 2 'sodium succinate'         ? ? ? 
# 
_diffrn.id                     1 
_diffrn.ambient_temp           100 
_diffrn.ambient_temp_details   ? 
_diffrn.crystal_id             1 
# 
_diffrn_detector.diffrn_id              1 
_diffrn_detector.detector               CCD 
_diffrn_detector.type                   'ADSC QUANTUM 4' 
_diffrn_detector.pdbx_collection_date   2002-06-01 
_diffrn_detector.details                ? 
# 
_diffrn_radiation.diffrn_id                        1 
_diffrn_radiation.wavelength_id                    1 
_diffrn_radiation.pdbx_monochromatic_or_laue_m_l   M 
_diffrn_radiation.monochromator                    ? 
_diffrn_radiation.pdbx_diffrn_protocol             'SINGLE WAVELENGTH' 
_diffrn_radiation.pdbx_scattering_type             x-ray 
# 
_diffrn_radiation_wavelength.id           1 
_diffrn_radiation_wavelength.wavelength   1.0 
_diffrn_radiation_wavelength.wt           1.0 
# 
_diffrn_source.diffrn_id                   1 
_diffrn_source.source                      SYNCHROTRON 
_diffrn_source.type                        'PHOTON FACTORY BEAMLINE BL-18B' 
_diffrn_source.pdbx_synchrotron_site       'Photon Factory' 
_diffrn_source.pdbx_synchrotron_beamline   BL-18B 
_diffrn_source.pdbx_wavelength             ? 
_diffrn_source.pdbx_wavelength_list        1.0 
# 
_reflns.entry_id                     1UHX 
_reflns.observed_criterion_sigma_F   ? 
_reflns.observed_criterion_sigma_I   ? 
_reflns.d_resolution_high            2.0 
_reflns.d_resolution_low             29.2 
_reflns.number_all                   2142 
_reflns.number_obs                   2142 
_reflns.percent_possible_obs         100.0 
_reflns.pdbx_Rmerge_I_obs            0.075 
_reflns.pdbx_Rsym_value              ? 
_reflns.pdbx_netI_over_sigmaI        4.9 
_reflns.B_iso_Wilson_estimate        ? 
_reflns.pdbx_redundancy              ? 
_reflns.R_free_details               ? 
_reflns.pdbx_ordinal                 1 
_reflns.pdbx_diffrn_id               1 
_reflns.pdbx_chi_squared             ? 
_reflns.pdbx_scaling_rejects         ? 
# 
_reflns_shell.d_res_high             2.0 
_reflns_shell.d_res_low              2.1 
_reflns_shell.percent_possible_all   100.0 
_reflns_shell.Rmerge_I_obs           0.323 
_reflns_shell.pdbx_Rsym_value        ? 
_reflns_shell.meanI_over_sigI_obs    2.4 
_reflns_shell.pdbx_redundancy        ? 
_reflns_shell.percent_possible_obs   ? 
_reflns_shell.number_unique_all      ? 
_reflns_shell.pdbx_ordinal           1 
_reflns_shell.pdbx_diffrn_id         1 
_reflns_shell.number_measured_all    ? 
_reflns_shell.number_measured_obs    ? 
_reflns_shell.number_unique_obs      ? 
_reflns_shell.pdbx_chi_squared       ? 
# 
_refine.entry_id                                 1UHX 
_refine.ls_d_res_high                            2.0 
_refine.ls_d_res_low                             20.0 
_refine.pdbx_ls_sigma_F                          3.0 
_refine.pdbx_ls_sigma_I                          ? 
_refine.ls_number_reflns_all                     2125 
_refine.ls_number_reflns_obs                     2030 
_refine.ls_number_reflns_R_free                  179 
_refine.ls_percent_reflns_obs                    95.5 
_refine.ls_R_factor_all                          ? 
_refine.ls_R_factor_obs                          ? 
_refine.ls_R_factor_R_work                       0.22 
_refine.ls_R_factor_R_free                       0.278 
_refine.ls_redundancy_reflns_obs                 ? 
_refine.pdbx_data_cutoff_high_absF               ? 
_refine.pdbx_data_cutoff_low_absF                ? 
_refine.ls_number_parameters                     ? 
_refine.ls_number_restraints                     ? 
_refine.ls_percent_reflns_R_free                 ? 
_refine.ls_R_factor_R_free_error                 ? 
_refine.ls_R_factor_R_free_error_details         ? 
_refine.pdbx_method_to_determine_struct          'MOLECULAR REPLACEMENT' 
_refine.pdbx_starting_model                      ? 
_refine.pdbx_ls_cross_valid_method               THROUGHOUT 
_refine.pdbx_R_Free_selection_details            RANDOM 
_refine.pdbx_stereochem_target_val_spec_case     ? 
_refine.pdbx_stereochemistry_target_values       'G. PARKINSON ET AL., (1996) ACTACRYST. D52, 57-64' 
_refine.solvent_model_details                    ? 
_refine.solvent_model_param_bsol                 ? 
_refine.solvent_model_param_ksol                 ? 
_refine.occupancy_max                            ? 
_refine.occupancy_min                            ? 
_refine.pdbx_isotropic_thermal_model             ? 
_refine.B_iso_mean                               ? 
_refine.aniso_B[1][1]                            -4.633 
_refine.aniso_B[1][2]                            -5.489 
_refine.aniso_B[1][3]                            0.000 
_refine.aniso_B[2][2]                            -4.633 
_refine.aniso_B[2][3]                            0.000 
_refine.aniso_B[3][3]                            9.266 
_refine.details                                  ? 
_refine.correlation_coeff_Fo_to_Fc               ? 
_refine.correlation_coeff_Fo_to_Fc_free          ? 
_refine.pdbx_solvent_vdw_probe_radii             ? 
_refine.pdbx_solvent_ion_probe_radii             ? 
_refine.pdbx_solvent_shrinkage_radii             ? 
_refine.overall_SU_R_Cruickshank_DPI             ? 
_refine.overall_SU_R_free                        ? 
_refine.overall_SU_B                             ? 
_refine.overall_SU_ML                            ? 
_refine.pdbx_overall_ESU_R                       ? 
_refine.pdbx_overall_ESU_R_Free                  ? 
_refine.pdbx_data_cutoff_high_rms_absF           ? 
_refine.pdbx_refine_id                           'X-RAY DIFFRACTION' 
_refine.pdbx_diffrn_id                           1 
_refine.pdbx_overall_phase_error                 ? 
_refine.ls_wR_factor_R_free                      ? 
_refine.ls_wR_factor_R_work                      ? 
_refine.overall_FOM_free_R_set                   ? 
_refine.overall_FOM_work_R_set                   ? 
_refine.pdbx_TLS_residual_ADP_flag               ? 
_refine.pdbx_overall_SU_R_free_Cruickshank_DPI   ? 
_refine.pdbx_overall_SU_R_Blow_DPI               ? 
_refine.pdbx_overall_SU_R_free_Blow_DPI          ? 
# 
_refine_analyze.entry_id                        1UHX 
_refine_analyze.Luzzati_coordinate_error_obs    0.22 
_refine_analyze.Luzzati_sigma_a_obs             0.19 
_refine_analyze.Luzzati_d_res_low_obs           5.0 
_refine_analyze.Luzzati_coordinate_error_free   ? 
_refine_analyze.Luzzati_sigma_a_free            ? 
_refine_analyze.Luzzati_d_res_low_free          ? 
_refine_analyze.number_disordered_residues      ? 
_refine_analyze.occupancy_sum_non_hydrogen      ? 
_refine_analyze.occupancy_sum_hydrogen          ? 
_refine_analyze.pdbx_refine_id                  'X-RAY DIFFRACTION' 
# 
_refine_hist.pdbx_refine_id                   'X-RAY DIFFRACTION' 
_refine_hist.cycle_id                         LAST 
_refine_hist.pdbx_number_atoms_protein        0 
_refine_hist.pdbx_number_atoms_nucleic_acid   166 
_refine_hist.pdbx_number_atoms_ligand         10 
_refine_hist.number_atoms_solvent             69 
_refine_hist.number_atoms_total               245 
_refine_hist.d_res_high                       2.0 
_refine_hist.d_res_low                        20.0 
# 
loop_
_refine_ls_restr.type 
_refine_ls_restr.dev_ideal 
_refine_ls_restr.dev_ideal_target 
_refine_ls_restr.weight 
_refine_ls_restr.number 
_refine_ls_restr.pdbx_refine_id 
_refine_ls_restr.pdbx_restraint_function 
c_bond_d           0.004 ? ? ? 'X-RAY DIFFRACTION' ? 
c_angle_deg        0.8   ? ? ? 'X-RAY DIFFRACTION' ? 
c_dihedral_angle_d 21.7  ? ? ? 'X-RAY DIFFRACTION' ? 
c_improper_angle_d 0.8   ? ? ? 'X-RAY DIFFRACTION' ? 
# 
_refine_ls_shell.pdbx_total_number_of_bins_used   ? 
_refine_ls_shell.d_res_high                       2.00 
_refine_ls_shell.d_res_low                        2.09 
_refine_ls_shell.number_reflns_R_work             ? 
_refine_ls_shell.R_factor_R_work                  0.288 
_refine_ls_shell.percent_reflns_obs               ? 
_refine_ls_shell.R_factor_R_free                  0.469 
_refine_ls_shell.R_factor_R_free_error            ? 
_refine_ls_shell.percent_reflns_R_free            ? 
_refine_ls_shell.number_reflns_R_free             16 
_refine_ls_shell.redundancy_reflns_obs            ? 
_refine_ls_shell.pdbx_refine_id                   'X-RAY DIFFRACTION' 
_refine_ls_shell.number_reflns_all                ? 
_refine_ls_shell.number_reflns_obs                ? 
_refine_ls_shell.R_factor_all                     ? 
# 
_struct.entry_id                  1UHX 
_struct.title                     'Crystal structure of d(GCGAGAGC): the base-intercalated duplex' 
_struct.pdbx_model_details        ? 
_struct.pdbx_CASP_flag            ? 
_struct.pdbx_model_type_details   ? 
# 
_struct_keywords.entry_id        1UHX 
_struct_keywords.pdbx_keywords   DNA 
_struct_keywords.text            'base-intercalated duplex, base-intercalated motif, sheared G:A pair, DNA, Deoxyribonucleic acid' 
# 
loop_
_struct_asym.id 
_struct_asym.pdbx_blank_PDB_chainid_flag 
_struct_asym.pdbx_modified 
_struct_asym.entity_id 
_struct_asym.details 
A N N 1 ? 
B N N 2 ? 
C N N 3 ? 
D N N 4 ? 
E N N 5 ? 
F N N 6 ? 
# 
_struct_ref.id                         1 
_struct_ref.entity_id                  1 
_struct_ref.db_name                    PDB 
_struct_ref.db_code                    1UHX 
_struct_ref.pdbx_db_accession          1UHX 
_struct_ref.pdbx_align_begin           ? 
_struct_ref.pdbx_seq_one_letter_code   ? 
_struct_ref.pdbx_db_isoform            ? 
# 
_struct_ref_seq.align_id                      1 
_struct_ref_seq.ref_id                        1 
_struct_ref_seq.pdbx_PDB_id_code              1UHX 
_struct_ref_seq.pdbx_strand_id                A 
_struct_ref_seq.seq_align_beg                 1 
_struct_ref_seq.pdbx_seq_align_beg_ins_code   ? 
_struct_ref_seq.seq_align_end                 8 
_struct_ref_seq.pdbx_seq_align_end_ins_code   ? 
_struct_ref_seq.pdbx_db_accession             1UHX 
_struct_ref_seq.db_align_beg                  1 
_struct_ref_seq.pdbx_db_align_beg_ins_code    ? 
_struct_ref_seq.db_align_end                  8 
_struct_ref_seq.pdbx_db_align_end_ins_code    ? 
_struct_ref_seq.pdbx_auth_seq_align_beg       1 
_struct_ref_seq.pdbx_auth_seq_align_end       8 
# 
_pdbx_struct_assembly.id                   1 
_pdbx_struct_assembly.details              author_defined_assembly 
_pdbx_struct_assembly.method_details       ? 
_pdbx_struct_assembly.oligomeric_details   hexameric 
_pdbx_struct_assembly.oligomeric_count     6 
# 
_pdbx_struct_assembly_gen.assembly_id       1 
_pdbx_struct_assembly_gen.oper_expression   1,2,3,4,5,6 
_pdbx_struct_assembly_gen.asym_id_list      A,B,C,D,E,F 
# 
loop_
_pdbx_struct_oper_list.id 
_pdbx_struct_oper_list.type 
_pdbx_struct_oper_list.name 
_pdbx_struct_oper_list.symmetry_operation 
_pdbx_struct_oper_list.matrix[1][1] 
_pdbx_struct_oper_list.matrix[1][2] 
_pdbx_struct_oper_list.matrix[1][3] 
_pdbx_struct_oper_list.vector[1] 
_pdbx_struct_oper_list.matrix[2][1] 
_pdbx_struct_oper_list.matrix[2][2] 
_pdbx_struct_oper_list.matrix[2][3] 
_pdbx_struct_oper_list.vector[2] 
_pdbx_struct_oper_list.matrix[3][1] 
_pdbx_struct_oper_list.matrix[3][2] 
_pdbx_struct_oper_list.matrix[3][3] 
_pdbx_struct_oper_list.vector[3] 
1 'identity operation'         1_555  x,y,z            1.0000000000  0.0000000000  0.0000000000  0.0000000000   0.0000000000  1.0000000000  0.0000000000  0.0000000000  0.0000000000  0.0000000000  1.0000000000  0.0000000000   
2 'crystal symmetry operation' 10_665 -y+1,-x+1,-z+1/2 -0.0550600412 -0.3261672615 0.9437072159  -1.1972759227  -0.3261672615 -0.8874160401 -0.3257417526 -2.7140059524 0.9437072159  -0.3257417526 -0.0575239187 0.2608160328   
3 'crystal symmetry operation' 2_655  -y+1,x-y,z       0.2845915667  0.7344497253  -0.6161097639 -9.9872999782  -0.4380880909 -0.4720140319 -0.7650369785 -6.8195168742 -0.8526936524 0.4876334225  0.1874224651  -12.0458229094 
4 'crystal symmetry operation' 12_555 x,x-y,-z+1/2     -0.8366503090 -0.5438942445 0.0647712224  -12.4820268395 -0.5438942445 0.8109673020  -0.2156642896 -5.2134895683 0.0647712224  -0.2156642896 -0.9743169931 -12.2994705574 
5 'crystal symmetry operation' 3_665  -x+y+1,-x+1,z    0.2845915667  -0.4380880909 -0.8526936524 -10.4166445128 0.7344497253  -0.4720140319 0.4876334225  9.9902079230  -0.6161097639 -0.7650369785 0.1874224651  -9.1127977913  
6 'crystal symmetry operation' 11_655 -x+y+1,y,-z+1/2  -0.6774727832 0.5736998716  0.4603249780  -9.7908016327  0.5736998716  0.0204768017  0.8188095981  10.5191004569 0.4603249780  0.8188095981  -0.3430040185 -6.2499467081 
# 
_struct_biol.id                    1 
_struct_biol.pdbx_parent_biol_id   ? 
_struct_biol.details               ? 
# 
loop_
_struct_conn.id 
_struct_conn.conn_type_id 
_struct_conn.pdbx_leaving_atom_flag 
_struct_conn.pdbx_PDB_id 
_struct_conn.ptnr1_label_asym_id 
_struct_conn.ptnr1_label_comp_id 
_struct_conn.ptnr1_label_seq_id 
_struct_conn.ptnr1_label_atom_id 
_struct_conn.pdbx_ptnr1_label_alt_id 
_struct_conn.pdbx_ptnr1_PDB_ins_code 
_struct_conn.pdbx_ptnr1_standard_comp_id 
_struct_conn.ptnr1_symmetry 
_struct_conn.ptnr2_label_asym_id 
_struct_conn.ptnr2_label_comp_id 
_struct_conn.ptnr2_label_seq_id 
_struct_conn.ptnr2_label_atom_id 
_struct_conn.pdbx_ptnr2_label_alt_id 
_struct_conn.pdbx_ptnr2_PDB_ins_code 
_struct_conn.ptnr1_auth_asym_id 
_struct_conn.ptnr1_auth_comp_id 
_struct_conn.ptnr1_auth_seq_id 
_struct_conn.ptnr2_auth_asym_id 
_struct_conn.ptnr2_auth_comp_id 
_struct_conn.ptnr2_auth_seq_id 
_struct_conn.ptnr2_symmetry 
_struct_conn.pdbx_ptnr3_label_atom_id 
_struct_conn.pdbx_ptnr3_label_seq_id 
_struct_conn.pdbx_ptnr3_label_comp_id 
_struct_conn.pdbx_ptnr3_label_asym_id 
_struct_conn.pdbx_ptnr3_label_alt_id 
_struct_conn.pdbx_ptnr3_PDB_ins_code 
_struct_conn.details 
_struct_conn.pdbx_dist_value 
_struct_conn.pdbx_value_order 
_struct_conn.pdbx_role 
covale1  covale both ? A DG  1 "O3'" ? ? ? 1_555 A CBR 2 P  ? ? A DG  1  A CBR 2  1_555 ? ? ? ? ? ? ?            1.611 ? ? 
covale2  covale both ? A CBR 2 "O3'" ? ? ? 1_555 A DG  3 P  ? ? A CBR 2  A DG  3  1_555 ? ? ? ? ? ? ?            1.609 ? ? 
metalc1  metalc ?    ? F HOH . O     ? ? ? 1_555 B MG  . MG ? ? A HOH 9  A MG  79 1_555 ? ? ? ? ? ? ?            2.381 ? ? 
metalc2  metalc ?    ? F HOH . O     ? ? ? 1_555 B MG  . MG ? ? A HOH 27 A MG  79 1_555 ? ? ? ? ? ? ?            2.398 ? ? 
metalc3  metalc ?    ? F HOH . O     ? ? ? 1_555 B MG  . MG ? ? A HOH 29 A MG  79 1_555 ? ? ? ? ? ? ?            2.394 ? ? 
metalc4  metalc ?    ? F HOH . O     ? ? ? 1_555 B MG  . MG ? ? A HOH 47 A MG  79 1_555 ? ? ? ? ? ? ?            2.398 ? ? 
metalc5  metalc ?    ? F HOH . O     ? ? ? 1_555 B MG  . MG ? ? A HOH 48 A MG  79 1_555 ? ? ? ? ? ? ?            2.382 ? ? 
metalc6  metalc ?    ? F HOH . O     ? ? ? 1_555 B MG  . MG ? ? A HOH 67 A MG  79 1_555 ? ? ? ? ? ? ?            2.391 ? ? 
hydrog1  hydrog ?    ? A DG  1 N1    ? ? ? 1_555 A DC  8 N3 ? ? A DG  1  A DC  8  8_665 ? ? ? ? ? ? WATSON-CRICK ?     ? ? 
hydrog2  hydrog ?    ? A DG  1 N2    ? ? ? 1_555 A DC  8 O2 ? ? A DG  1  A DC  8  8_665 ? ? ? ? ? ? WATSON-CRICK ?     ? ? 
hydrog3  hydrog ?    ? A DG  1 O6    ? ? ? 1_555 A DC  8 N4 ? ? A DG  1  A DC  8  8_665 ? ? ? ? ? ? WATSON-CRICK ?     ? ? 
hydrog4  hydrog ?    ? A CBR 2 N3    ? ? ? 1_555 A DG  7 N1 ? ? A CBR 2  A DG  7  8_665 ? ? ? ? ? ? WATSON-CRICK ?     ? ? 
hydrog5  hydrog ?    ? A CBR 2 N4    ? ? ? 1_555 A DG  7 O6 ? ? A CBR 2  A DG  7  8_665 ? ? ? ? ? ? WATSON-CRICK ?     ? ? 
hydrog6  hydrog ?    ? A CBR 2 O2    ? ? ? 1_555 A DG  7 N2 ? ? A CBR 2  A DG  7  8_665 ? ? ? ? ? ? WATSON-CRICK ?     ? ? 
hydrog7  hydrog ?    ? A DG  3 N2    ? ? ? 1_555 A DA  6 N7 ? ? A DG  3  A DA  6  8_665 ? ? ? ? ? ? TYPE_11_PAIR ?     ? ? 
hydrog8  hydrog ?    ? A DG  3 N3    ? ? ? 1_555 A DA  6 N6 ? ? A DG  3  A DA  6  8_665 ? ? ? ? ? ? TYPE_11_PAIR ?     ? ? 
hydrog9  hydrog ?    ? A DA  6 N6    ? ? ? 1_555 A DG  3 N3 ? ? A DA  6  A DG  3  8_665 ? ? ? ? ? ? TYPE_11_PAIR ?     ? ? 
hydrog10 hydrog ?    ? A DA  6 N7    ? ? ? 1_555 A DG  3 N2 ? ? A DA  6  A DG  3  8_665 ? ? ? ? ? ? TYPE_11_PAIR ?     ? ? 
hydrog11 hydrog ?    ? A DG  7 N1    ? ? ? 1_555 A CBR 2 N3 ? ? A DG  7  A CBR 2  8_665 ? ? ? ? ? ? WATSON-CRICK ?     ? ? 
hydrog12 hydrog ?    ? A DG  7 N2    ? ? ? 1_555 A CBR 2 O2 ? ? A DG  7  A CBR 2  8_665 ? ? ? ? ? ? WATSON-CRICK ?     ? ? 
hydrog13 hydrog ?    ? A DG  7 O6    ? ? ? 1_555 A CBR 2 N4 ? ? A DG  7  A CBR 2  8_665 ? ? ? ? ? ? WATSON-CRICK ?     ? ? 
hydrog14 hydrog ?    ? A DC  8 N3    ? ? ? 1_555 A DG  1 N1 ? ? A DC  8  A DG  1  8_665 ? ? ? ? ? ? WATSON-CRICK ?     ? ? 
hydrog15 hydrog ?    ? A DC  8 N4    ? ? ? 1_555 A DG  1 O6 ? ? A DC  8  A DG  1  8_665 ? ? ? ? ? ? WATSON-CRICK ?     ? ? 
hydrog16 hydrog ?    ? A DC  8 O2    ? ? ? 1_555 A DG  1 N2 ? ? A DC  8  A DG  1  8_665 ? ? ? ? ? ? WATSON-CRICK ?     ? ? 
# 
loop_
_struct_conn_type.id 
_struct_conn_type.criteria 
_struct_conn_type.reference 
covale ? ? 
metalc ? ? 
hydrog ? ? 
# 
loop_
_pdbx_struct_conn_angle.id 
_pdbx_struct_conn_angle.ptnr1_label_atom_id 
_pdbx_struct_conn_angle.ptnr1_label_alt_id 
_pdbx_struct_conn_angle.ptnr1_label_asym_id 
_pdbx_struct_conn_angle.ptnr1_label_comp_id 
_pdbx_struct_conn_angle.ptnr1_label_seq_id 
_pdbx_struct_conn_angle.ptnr1_auth_atom_id 
_pdbx_struct_conn_angle.ptnr1_auth_asym_id 
_pdbx_struct_conn_angle.ptnr1_auth_comp_id 
_pdbx_struct_conn_angle.ptnr1_auth_seq_id 
_pdbx_struct_conn_angle.ptnr1_PDB_ins_code 
_pdbx_struct_conn_angle.ptnr1_symmetry 
_pdbx_struct_conn_angle.ptnr2_label_atom_id 
_pdbx_struct_conn_angle.ptnr2_label_alt_id 
_pdbx_struct_conn_angle.ptnr2_label_asym_id 
_pdbx_struct_conn_angle.ptnr2_label_comp_id 
_pdbx_struct_conn_angle.ptnr2_label_seq_id 
_pdbx_struct_conn_angle.ptnr2_auth_atom_id 
_pdbx_struct_conn_angle.ptnr2_auth_asym_id 
_pdbx_struct_conn_angle.ptnr2_auth_comp_id 
_pdbx_struct_conn_angle.ptnr2_auth_seq_id 
_pdbx_struct_conn_angle.ptnr2_PDB_ins_code 
_pdbx_struct_conn_angle.ptnr2_symmetry 
_pdbx_struct_conn_angle.ptnr3_label_atom_id 
_pdbx_struct_conn_angle.ptnr3_label_alt_id 
_pdbx_struct_conn_angle.ptnr3_label_asym_id 
_pdbx_struct_conn_angle.ptnr3_label_comp_id 
_pdbx_struct_conn_angle.ptnr3_label_seq_id 
_pdbx_struct_conn_angle.ptnr3_auth_atom_id 
_pdbx_struct_conn_angle.ptnr3_auth_asym_id 
_pdbx_struct_conn_angle.ptnr3_auth_comp_id 
_pdbx_struct_conn_angle.ptnr3_auth_seq_id 
_pdbx_struct_conn_angle.ptnr3_PDB_ins_code 
_pdbx_struct_conn_angle.ptnr3_symmetry 
_pdbx_struct_conn_angle.value 
_pdbx_struct_conn_angle.value_esd 
1  O ? F HOH . ? A HOH 9  ? 1_555 MG ? B MG . ? A MG 79 ? 1_555 O ? F HOH . ? A HOH 27 ? 1_555 89.6  ? 
2  O ? F HOH . ? A HOH 9  ? 1_555 MG ? B MG . ? A MG 79 ? 1_555 O ? F HOH . ? A HOH 29 ? 1_555 93.3  ? 
3  O ? F HOH . ? A HOH 27 ? 1_555 MG ? B MG . ? A MG 79 ? 1_555 O ? F HOH . ? A HOH 29 ? 1_555 88.8  ? 
4  O ? F HOH . ? A HOH 9  ? 1_555 MG ? B MG . ? A MG 79 ? 1_555 O ? F HOH . ? A HOH 47 ? 1_555 86.9  ? 
5  O ? F HOH . ? A HOH 27 ? 1_555 MG ? B MG . ? A MG 79 ? 1_555 O ? F HOH . ? A HOH 47 ? 1_555 90.9  ? 
6  O ? F HOH . ? A HOH 29 ? 1_555 MG ? B MG . ? A MG 79 ? 1_555 O ? F HOH . ? A HOH 47 ? 1_555 179.7 ? 
7  O ? F HOH . ? A HOH 9  ? 1_555 MG ? B MG . ? A MG 79 ? 1_555 O ? F HOH . ? A HOH 48 ? 1_555 90.3  ? 
8  O ? F HOH . ? A HOH 27 ? 1_555 MG ? B MG . ? A MG 79 ? 1_555 O ? F HOH . ? A HOH 48 ? 1_555 173.7 ? 
9  O ? F HOH . ? A HOH 29 ? 1_555 MG ? B MG . ? A MG 79 ? 1_555 O ? F HOH . ? A HOH 48 ? 1_555 84.9  ? 
10 O ? F HOH . ? A HOH 47 ? 1_555 MG ? B MG . ? A MG 79 ? 1_555 O ? F HOH . ? A HOH 48 ? 1_555 95.3  ? 
11 O ? F HOH . ? A HOH 9  ? 1_555 MG ? B MG . ? A MG 79 ? 1_555 O ? F HOH . ? A HOH 67 ? 1_555 179.0 ? 
12 O ? F HOH . ? A HOH 27 ? 1_555 MG ? B MG . ? A MG 79 ? 1_555 O ? F HOH . ? A HOH 67 ? 1_555 89.8  ? 
13 O ? F HOH . ? A HOH 29 ? 1_555 MG ? B MG . ? A MG 79 ? 1_555 O ? F HOH . ? A HOH 67 ? 1_555 87.5  ? 
14 O ? F HOH . ? A HOH 47 ? 1_555 MG ? B MG . ? A MG 79 ? 1_555 O ? F HOH . ? A HOH 67 ? 1_555 92.3  ? 
15 O ? F HOH . ? A HOH 48 ? 1_555 MG ? B MG . ? A MG 79 ? 1_555 O ? F HOH . ? A HOH 67 ? 1_555 90.4  ? 
# 
loop_
_struct_site.id 
_struct_site.pdbx_evidence_code 
_struct_site.pdbx_auth_asym_id 
_struct_site.pdbx_auth_comp_id 
_struct_site.pdbx_auth_seq_id 
_struct_site.pdbx_auth_ins_code 
_struct_site.pdbx_num_residues 
_struct_site.details 
AC1 Software A MG  79 ? 6  'BINDING SITE FOR RESIDUE MG A 79'  
AC2 Software A CL  80 ? 6  'BINDING SITE FOR RESIDUE CL A 80'  
AC3 Software A NA  81 ? 3  'BINDING SITE FOR RESIDUE NA A 81'  
AC4 Software A NCO 78 ? 12 'BINDING SITE FOR RESIDUE NCO A 78' 
# 
loop_
_struct_site_gen.id 
_struct_site_gen.site_id 
_struct_site_gen.pdbx_num_res 
_struct_site_gen.label_comp_id 
_struct_site_gen.label_asym_id 
_struct_site_gen.label_seq_id 
_struct_site_gen.pdbx_auth_ins_code 
_struct_site_gen.auth_comp_id 
_struct_site_gen.auth_asym_id 
_struct_site_gen.auth_seq_id 
_struct_site_gen.label_atom_id 
_struct_site_gen.label_alt_id 
_struct_site_gen.symmetry 
_struct_site_gen.details 
1  AC1 6  HOH F . ? HOH A 9  . ? 1_555  ? 
2  AC1 6  HOH F . ? HOH A 27 . ? 1_555  ? 
3  AC1 6  HOH F . ? HOH A 29 . ? 1_555  ? 
4  AC1 6  HOH F . ? HOH A 47 . ? 1_555  ? 
5  AC1 6  HOH F . ? HOH A 48 . ? 1_555  ? 
6  AC1 6  HOH F . ? HOH A 67 . ? 1_555  ? 
7  AC2 6  DA  A 4 ? DA  A 4  . ? 10_665 ? 
8  AC2 6  DA  A 4 ? DA  A 4  . ? 12_555 ? 
9  AC2 6  DA  A 4 ? DA  A 4  . ? 11_655 ? 
10 AC2 6  NCO E . ? NCO A 78 . ? 11_655 ? 
11 AC2 6  NCO E . ? NCO A 78 . ? 12_555 ? 
12 AC2 6  NCO E . ? NCO A 78 . ? 10_665 ? 
13 AC3 3  DG  A 5 ? DG  A 5  . ? 2_655  ? 
14 AC3 3  DG  A 5 ? DG  A 5  . ? 3_665  ? 
15 AC3 3  DG  A 5 ? DG  A 5  . ? 1_555  ? 
16 AC4 12 CBR A 2 ? CBR A 2  . ? 1_555  ? 
17 AC4 12 CBR A 2 ? CBR A 2  . ? 2_655  ? 
18 AC4 12 CBR A 2 ? CBR A 2  . ? 3_665  ? 
19 AC4 12 DG  A 3 ? DG  A 3  . ? 3_665  ? 
20 AC4 12 DG  A 3 ? DG  A 3  . ? 1_555  ? 
21 AC4 12 DG  A 3 ? DG  A 3  . ? 2_655  ? 
22 AC4 12 HOH F . ? HOH A 12 . ? 1_555  ? 
23 AC4 12 HOH F . ? HOH A 12 . ? 3_665  ? 
24 AC4 12 HOH F . ? HOH A 12 . ? 2_655  ? 
25 AC4 12 CL  C . ? CL  A 80 . ? 12_555 ? 
26 AC4 12 CL  C . ? CL  A 80 . ? 11_655 ? 
27 AC4 12 CL  C . ? CL  A 80 . ? 10_665 ? 
# 
_pdbx_struct_mod_residue.id               1 
_pdbx_struct_mod_residue.label_asym_id    A 
_pdbx_struct_mod_residue.label_comp_id    CBR 
_pdbx_struct_mod_residue.label_seq_id     2 
_pdbx_struct_mod_residue.auth_asym_id     A 
_pdbx_struct_mod_residue.auth_comp_id     CBR 
_pdbx_struct_mod_residue.auth_seq_id      2 
_pdbx_struct_mod_residue.PDB_ins_code     ? 
_pdbx_struct_mod_residue.parent_comp_id   DC 
_pdbx_struct_mod_residue.details          ? 
# 
loop_
_pdbx_struct_special_symmetry.id 
_pdbx_struct_special_symmetry.PDB_model_num 
_pdbx_struct_special_symmetry.auth_asym_id 
_pdbx_struct_special_symmetry.auth_comp_id 
_pdbx_struct_special_symmetry.auth_seq_id 
_pdbx_struct_special_symmetry.PDB_ins_code 
_pdbx_struct_special_symmetry.label_asym_id 
_pdbx_struct_special_symmetry.label_comp_id 
_pdbx_struct_special_symmetry.label_seq_id 
1  1 A CL  80 ? C CL  . 
2  1 A NA  81 ? D NA  . 
3  1 A NCO 78 ? E NCO . 
4  1 A HOH 24 ? F HOH . 
5  1 A HOH 37 ? F HOH . 
6  1 A HOH 45 ? F HOH . 
7  1 A HOH 46 ? F HOH . 
8  1 A HOH 59 ? F HOH . 
9  1 A HOH 61 ? F HOH . 
10 1 A HOH 75 ? F HOH . 
# 
loop_
_chem_comp_atom.comp_id 
_chem_comp_atom.atom_id 
_chem_comp_atom.type_symbol 
_chem_comp_atom.pdbx_aromatic_flag 
_chem_comp_atom.pdbx_stereo_config 
_chem_comp_atom.pdbx_ordinal 
CBR BR     BR N N 1   
CBR P      P  N N 2   
CBR OP1    O  N N 3   
CBR OP2    O  N N 4   
CBR "O5'"  O  N N 5   
CBR N1     N  N N 6   
CBR C6     C  N N 7   
CBR C2     C  N N 8   
CBR O2     O  N N 9   
CBR N3     N  N N 10  
CBR C4     C  N N 11  
CBR N4     N  N N 12  
CBR C5     C  N N 13  
CBR "C2'"  C  N N 14  
CBR "C5'"  C  N N 15  
CBR "C4'"  C  N R 16  
CBR "O4'"  O  N N 17  
CBR "C1'"  C  N R 18  
CBR "C3'"  C  N S 19  
CBR "O3'"  O  N N 20  
CBR OP3    O  N N 21  
CBR HOP2   H  N N 22  
CBR H6     H  N N 23  
CBR H41    H  N N 24  
CBR H42    H  N N 25  
CBR "H2'"  H  N N 26  
CBR "H2''" H  N N 27  
CBR "H5'"  H  N N 28  
CBR "H5''" H  N N 29  
CBR "H4'"  H  N N 30  
CBR "H1'"  H  N N 31  
CBR "H3'"  H  N N 32  
CBR "HO3'" H  N N 33  
CBR HOP3   H  N N 34  
CL  CL     CL N N 35  
DA  OP3    O  N N 36  
DA  P      P  N N 37  
DA  OP1    O  N N 38  
DA  OP2    O  N N 39  
DA  "O5'"  O  N N 40  
DA  "C5'"  C  N N 41  
DA  "C4'"  C  N R 42  
DA  "O4'"  O  N N 43  
DA  "C3'"  C  N S 44  
DA  "O3'"  O  N N 45  
DA  "C2'"  C  N N 46  
DA  "C1'"  C  N R 47  
DA  N9     N  Y N 48  
DA  C8     C  Y N 49  
DA  N7     N  Y N 50  
DA  C5     C  Y N 51  
DA  C6     C  Y N 52  
DA  N6     N  N N 53  
DA  N1     N  Y N 54  
DA  C2     C  Y N 55  
DA  N3     N  Y N 56  
DA  C4     C  Y N 57  
DA  HOP3   H  N N 58  
DA  HOP2   H  N N 59  
DA  "H5'"  H  N N 60  
DA  "H5''" H  N N 61  
DA  "H4'"  H  N N 62  
DA  "H3'"  H  N N 63  
DA  "HO3'" H  N N 64  
DA  "H2'"  H  N N 65  
DA  "H2''" H  N N 66  
DA  "H1'"  H  N N 67  
DA  H8     H  N N 68  
DA  H61    H  N N 69  
DA  H62    H  N N 70  
DA  H2     H  N N 71  
DC  OP3    O  N N 72  
DC  P      P  N N 73  
DC  OP1    O  N N 74  
DC  OP2    O  N N 75  
DC  "O5'"  O  N N 76  
DC  "C5'"  C  N N 77  
DC  "C4'"  C  N R 78  
DC  "O4'"  O  N N 79  
DC  "C3'"  C  N S 80  
DC  "O3'"  O  N N 81  
DC  "C2'"  C  N N 82  
DC  "C1'"  C  N R 83  
DC  N1     N  N N 84  
DC  C2     C  N N 85  
DC  O2     O  N N 86  
DC  N3     N  N N 87  
DC  C4     C  N N 88  
DC  N4     N  N N 89  
DC  C5     C  N N 90  
DC  C6     C  N N 91  
DC  HOP3   H  N N 92  
DC  HOP2   H  N N 93  
DC  "H5'"  H  N N 94  
DC  "H5''" H  N N 95  
DC  "H4'"  H  N N 96  
DC  "H3'"  H  N N 97  
DC  "HO3'" H  N N 98  
DC  "H2'"  H  N N 99  
DC  "H2''" H  N N 100 
DC  "H1'"  H  N N 101 
DC  H41    H  N N 102 
DC  H42    H  N N 103 
DC  H5     H  N N 104 
DC  H6     H  N N 105 
DG  OP3    O  N N 106 
DG  P      P  N N 107 
DG  OP1    O  N N 108 
DG  OP2    O  N N 109 
DG  "O5'"  O  N N 110 
DG  "C5'"  C  N N 111 
DG  "C4'"  C  N R 112 
DG  "O4'"  O  N N 113 
DG  "C3'"  C  N S 114 
DG  "O3'"  O  N N 115 
DG  "C2'"  C  N N 116 
DG  "C1'"  C  N R 117 
DG  N9     N  Y N 118 
DG  C8     C  Y N 119 
DG  N7     N  Y N 120 
DG  C5     C  Y N 121 
DG  C6     C  N N 122 
DG  O6     O  N N 123 
DG  N1     N  N N 124 
DG  C2     C  N N 125 
DG  N2     N  N N 126 
DG  N3     N  N N 127 
DG  C4     C  Y N 128 
DG  HOP3   H  N N 129 
DG  HOP2   H  N N 130 
DG  "H5'"  H  N N 131 
DG  "H5''" H  N N 132 
DG  "H4'"  H  N N 133 
DG  "H3'"  H  N N 134 
DG  "HO3'" H  N N 135 
DG  "H2'"  H  N N 136 
DG  "H2''" H  N N 137 
DG  "H1'"  H  N N 138 
DG  H8     H  N N 139 
DG  H1     H  N N 140 
DG  H21    H  N N 141 
DG  H22    H  N N 142 
HOH O      O  N N 143 
HOH H1     H  N N 144 
HOH H2     H  N N 145 
MG  MG     MG N N 146 
NA  NA     NA N N 147 
NCO CO     CO N N 148 
NCO N1     N  N N 149 
NCO N2     N  N N 150 
NCO N3     N  N N 151 
NCO N4     N  N N 152 
NCO N5     N  N N 153 
NCO N6     N  N N 154 
NCO HN11   H  N N 155 
NCO HN12   H  N N 156 
NCO HN13   H  N N 157 
NCO HN21   H  N N 158 
NCO HN22   H  N N 159 
NCO HN23   H  N N 160 
NCO HN31   H  N N 161 
NCO HN32   H  N N 162 
NCO HN33   H  N N 163 
NCO HN41   H  N N 164 
NCO HN42   H  N N 165 
NCO HN43   H  N N 166 
NCO HN51   H  N N 167 
NCO HN52   H  N N 168 
NCO HN53   H  N N 169 
NCO HN61   H  N N 170 
NCO HN62   H  N N 171 
NCO HN63   H  N N 172 
# 
loop_
_chem_comp_bond.comp_id 
_chem_comp_bond.atom_id_1 
_chem_comp_bond.atom_id_2 
_chem_comp_bond.value_order 
_chem_comp_bond.pdbx_aromatic_flag 
_chem_comp_bond.pdbx_stereo_config 
_chem_comp_bond.pdbx_ordinal 
CBR BR    C5     sing N N 1   
CBR P     OP1    doub N N 2   
CBR P     OP2    sing N N 3   
CBR P     "O5'"  sing N N 4   
CBR P     OP3    sing N N 5   
CBR OP2   HOP2   sing N N 6   
CBR "O5'" "C5'"  sing N N 7   
CBR N1    C6     sing N N 8   
CBR N1    C2     sing N N 9   
CBR N1    "C1'"  sing N N 10  
CBR C6    C5     doub N N 11  
CBR C6    H6     sing N N 12  
CBR C2    O2     doub N N 13  
CBR C2    N3     sing N N 14  
CBR N3    C4     doub N N 15  
CBR C4    N4     sing N N 16  
CBR C4    C5     sing N N 17  
CBR N4    H41    sing N N 18  
CBR N4    H42    sing N N 19  
CBR "C2'" "C1'"  sing N N 20  
CBR "C2'" "C3'"  sing N N 21  
CBR "C2'" "H2'"  sing N N 22  
CBR "C2'" "H2''" sing N N 23  
CBR "C5'" "C4'"  sing N N 24  
CBR "C5'" "H5'"  sing N N 25  
CBR "C5'" "H5''" sing N N 26  
CBR "C4'" "O4'"  sing N N 27  
CBR "C4'" "C3'"  sing N N 28  
CBR "C4'" "H4'"  sing N N 29  
CBR "O4'" "C1'"  sing N N 30  
CBR "C1'" "H1'"  sing N N 31  
CBR "C3'" "O3'"  sing N N 32  
CBR "C3'" "H3'"  sing N N 33  
CBR "O3'" "HO3'" sing N N 34  
CBR OP3   HOP3   sing N N 35  
DA  OP3   P      sing N N 36  
DA  OP3   HOP3   sing N N 37  
DA  P     OP1    doub N N 38  
DA  P     OP2    sing N N 39  
DA  P     "O5'"  sing N N 40  
DA  OP2   HOP2   sing N N 41  
DA  "O5'" "C5'"  sing N N 42  
DA  "C5'" "C4'"  sing N N 43  
DA  "C5'" "H5'"  sing N N 44  
DA  "C5'" "H5''" sing N N 45  
DA  "C4'" "O4'"  sing N N 46  
DA  "C4'" "C3'"  sing N N 47  
DA  "C4'" "H4'"  sing N N 48  
DA  "O4'" "C1'"  sing N N 49  
DA  "C3'" "O3'"  sing N N 50  
DA  "C3'" "C2'"  sing N N 51  
DA  "C3'" "H3'"  sing N N 52  
DA  "O3'" "HO3'" sing N N 53  
DA  "C2'" "C1'"  sing N N 54  
DA  "C2'" "H2'"  sing N N 55  
DA  "C2'" "H2''" sing N N 56  
DA  "C1'" N9     sing N N 57  
DA  "C1'" "H1'"  sing N N 58  
DA  N9    C8     sing Y N 59  
DA  N9    C4     sing Y N 60  
DA  C8    N7     doub Y N 61  
DA  C8    H8     sing N N 62  
DA  N7    C5     sing Y N 63  
DA  C5    C6     sing Y N 64  
DA  C5    C4     doub Y N 65  
DA  C6    N6     sing N N 66  
DA  C6    N1     doub Y N 67  
DA  N6    H61    sing N N 68  
DA  N6    H62    sing N N 69  
DA  N1    C2     sing Y N 70  
DA  C2    N3     doub Y N 71  
DA  C2    H2     sing N N 72  
DA  N3    C4     sing Y N 73  
DC  OP3   P      sing N N 74  
DC  OP3   HOP3   sing N N 75  
DC  P     OP1    doub N N 76  
DC  P     OP2    sing N N 77  
DC  P     "O5'"  sing N N 78  
DC  OP2   HOP2   sing N N 79  
DC  "O5'" "C5'"  sing N N 80  
DC  "C5'" "C4'"  sing N N 81  
DC  "C5'" "H5'"  sing N N 82  
DC  "C5'" "H5''" sing N N 83  
DC  "C4'" "O4'"  sing N N 84  
DC  "C4'" "C3'"  sing N N 85  
DC  "C4'" "H4'"  sing N N 86  
DC  "O4'" "C1'"  sing N N 87  
DC  "C3'" "O3'"  sing N N 88  
DC  "C3'" "C2'"  sing N N 89  
DC  "C3'" "H3'"  sing N N 90  
DC  "O3'" "HO3'" sing N N 91  
DC  "C2'" "C1'"  sing N N 92  
DC  "C2'" "H2'"  sing N N 93  
DC  "C2'" "H2''" sing N N 94  
DC  "C1'" N1     sing N N 95  
DC  "C1'" "H1'"  sing N N 96  
DC  N1    C2     sing N N 97  
DC  N1    C6     sing N N 98  
DC  C2    O2     doub N N 99  
DC  C2    N3     sing N N 100 
DC  N3    C4     doub N N 101 
DC  C4    N4     sing N N 102 
DC  C4    C5     sing N N 103 
DC  N4    H41    sing N N 104 
DC  N4    H42    sing N N 105 
DC  C5    C6     doub N N 106 
DC  C5    H5     sing N N 107 
DC  C6    H6     sing N N 108 
DG  OP3   P      sing N N 109 
DG  OP3   HOP3   sing N N 110 
DG  P     OP1    doub N N 111 
DG  P     OP2    sing N N 112 
DG  P     "O5'"  sing N N 113 
DG  OP2   HOP2   sing N N 114 
DG  "O5'" "C5'"  sing N N 115 
DG  "C5'" "C4'"  sing N N 116 
DG  "C5'" "H5'"  sing N N 117 
DG  "C5'" "H5''" sing N N 118 
DG  "C4'" "O4'"  sing N N 119 
DG  "C4'" "C3'"  sing N N 120 
DG  "C4'" "H4'"  sing N N 121 
DG  "O4'" "C1'"  sing N N 122 
DG  "C3'" "O3'"  sing N N 123 
DG  "C3'" "C2'"  sing N N 124 
DG  "C3'" "H3'"  sing N N 125 
DG  "O3'" "HO3'" sing N N 126 
DG  "C2'" "C1'"  sing N N 127 
DG  "C2'" "H2'"  sing N N 128 
DG  "C2'" "H2''" sing N N 129 
DG  "C1'" N9     sing N N 130 
DG  "C1'" "H1'"  sing N N 131 
DG  N9    C8     sing Y N 132 
DG  N9    C4     sing Y N 133 
DG  C8    N7     doub Y N 134 
DG  C8    H8     sing N N 135 
DG  N7    C5     sing Y N 136 
DG  C5    C6     sing N N 137 
DG  C5    C4     doub Y N 138 
DG  C6    O6     doub N N 139 
DG  C6    N1     sing N N 140 
DG  N1    C2     sing N N 141 
DG  N1    H1     sing N N 142 
DG  C2    N2     sing N N 143 
DG  C2    N3     doub N N 144 
DG  N2    H21    sing N N 145 
DG  N2    H22    sing N N 146 
DG  N3    C4     sing N N 147 
HOH O     H1     sing N N 148 
HOH O     H2     sing N N 149 
NCO CO    N1     sing N N 150 
NCO CO    N2     sing N N 151 
NCO CO    N3     sing N N 152 
NCO CO    N4     sing N N 153 
NCO CO    N5     sing N N 154 
NCO CO    N6     sing N N 155 
NCO N1    HN11   sing N N 156 
NCO N1    HN12   sing N N 157 
NCO N1    HN13   sing N N 158 
NCO N2    HN21   sing N N 159 
NCO N2    HN22   sing N N 160 
NCO N2    HN23   sing N N 161 
NCO N3    HN31   sing N N 162 
NCO N3    HN32   sing N N 163 
NCO N3    HN33   sing N N 164 
NCO N4    HN41   sing N N 165 
NCO N4    HN42   sing N N 166 
NCO N4    HN43   sing N N 167 
NCO N5    HN51   sing N N 168 
NCO N5    HN52   sing N N 169 
NCO N5    HN53   sing N N 170 
NCO N6    HN61   sing N N 171 
NCO N6    HN62   sing N N 172 
NCO N6    HN63   sing N N 173 
# 
loop_
_ndb_struct_conf_na.entry_id 
_ndb_struct_conf_na.feature 
1UHX 'b-form double helix'  
1UHX 'mismatched base pair' 
1UHX 'internal loop'        
# 
loop_
_ndb_struct_na_base_pair.model_number 
_ndb_struct_na_base_pair.i_label_asym_id 
_ndb_struct_na_base_pair.i_label_comp_id 
_ndb_struct_na_base_pair.i_label_seq_id 
_ndb_struct_na_base_pair.i_symmetry 
_ndb_struct_na_base_pair.j_label_asym_id 
_ndb_struct_na_base_pair.j_label_comp_id 
_ndb_struct_na_base_pair.j_label_seq_id 
_ndb_struct_na_base_pair.j_symmetry 
_ndb_struct_na_base_pair.shear 
_ndb_struct_na_base_pair.stretch 
_ndb_struct_na_base_pair.stagger 
_ndb_struct_na_base_pair.buckle 
_ndb_struct_na_base_pair.propeller 
_ndb_struct_na_base_pair.opening 
_ndb_struct_na_base_pair.pair_number 
_ndb_struct_na_base_pair.pair_name 
_ndb_struct_na_base_pair.i_auth_asym_id 
_ndb_struct_na_base_pair.i_auth_seq_id 
_ndb_struct_na_base_pair.i_PDB_ins_code 
_ndb_struct_na_base_pair.j_auth_asym_id 
_ndb_struct_na_base_pair.j_auth_seq_id 
_ndb_struct_na_base_pair.j_PDB_ins_code 
_ndb_struct_na_base_pair.hbond_type_28 
_ndb_struct_na_base_pair.hbond_type_12 
1 A DG  1 1_555 A DC 8 8_665 -0.414 -0.131 -0.301 -5.444 4.606   -1.535 1 A_DG1:DC8_A  A 1 ? A 8 ? 19 1 
1 A CBR 2 1_555 A DG 7 8_665 0.263  -0.139 -0.224 16.673 5.856   2.048  2 A_CBR2:DG7_A A 2 ? A 7 ? 19 1 
1 A DG  3 1_555 A DA 6 8_665 6.492  -4.244 1.298  30.871 -13.071 10.409 3 A_DG3:DA6_A  A 3 ? A 6 ? 11 9 
1 A DG  1 1_555 A DC 8 1_555 -0.414 -0.131 -0.301 -5.444 4.606   -1.535 4 A_DG1:DC8_A  A 1 ? A 8 ? 19 1 
1 A CBR 2 1_555 A DG 7 1_555 0.263  -0.139 -0.224 16.673 5.856   2.048  5 A_CBR2:DG7_A A 2 ? A 7 ? 19 1 
1 A DG  3 1_555 A DA 6 1_555 6.492  -4.244 1.298  30.871 -13.071 10.409 6 A_DG3:DA6_A  A 3 ? A 6 ? 11 9 
# 
loop_
_ndb_struct_na_base_pair_step.model_number 
_ndb_struct_na_base_pair_step.i_label_asym_id_1 
_ndb_struct_na_base_pair_step.i_label_comp_id_1 
_ndb_struct_na_base_pair_step.i_label_seq_id_1 
_ndb_struct_na_base_pair_step.i_symmetry_1 
_ndb_struct_na_base_pair_step.j_label_asym_id_1 
_ndb_struct_na_base_pair_step.j_label_comp_id_1 
_ndb_struct_na_base_pair_step.j_label_seq_id_1 
_ndb_struct_na_base_pair_step.j_symmetry_1 
_ndb_struct_na_base_pair_step.i_label_asym_id_2 
_ndb_struct_na_base_pair_step.i_label_comp_id_2 
_ndb_struct_na_base_pair_step.i_label_seq_id_2 
_ndb_struct_na_base_pair_step.i_symmetry_2 
_ndb_struct_na_base_pair_step.j_label_asym_id_2 
_ndb_struct_na_base_pair_step.j_label_comp_id_2 
_ndb_struct_na_base_pair_step.j_label_seq_id_2 
_ndb_struct_na_base_pair_step.j_symmetry_2 
_ndb_struct_na_base_pair_step.shift 
_ndb_struct_na_base_pair_step.slide 
_ndb_struct_na_base_pair_step.rise 
_ndb_struct_na_base_pair_step.tilt 
_ndb_struct_na_base_pair_step.roll 
_ndb_struct_na_base_pair_step.twist 
_ndb_struct_na_base_pair_step.x_displacement 
_ndb_struct_na_base_pair_step.y_displacement 
_ndb_struct_na_base_pair_step.helical_rise 
_ndb_struct_na_base_pair_step.inclination 
_ndb_struct_na_base_pair_step.tip 
_ndb_struct_na_base_pair_step.helical_twist 
_ndb_struct_na_base_pair_step.step_number 
_ndb_struct_na_base_pair_step.step_name 
_ndb_struct_na_base_pair_step.i_auth_asym_id_1 
_ndb_struct_na_base_pair_step.i_auth_seq_id_1 
_ndb_struct_na_base_pair_step.i_PDB_ins_code_1 
_ndb_struct_na_base_pair_step.j_auth_asym_id_1 
_ndb_struct_na_base_pair_step.j_auth_seq_id_1 
_ndb_struct_na_base_pair_step.j_PDB_ins_code_1 
_ndb_struct_na_base_pair_step.i_auth_asym_id_2 
_ndb_struct_na_base_pair_step.i_auth_seq_id_2 
_ndb_struct_na_base_pair_step.i_PDB_ins_code_2 
_ndb_struct_na_base_pair_step.j_auth_asym_id_2 
_ndb_struct_na_base_pair_step.j_auth_seq_id_2 
_ndb_struct_na_base_pair_step.j_PDB_ins_code_2 
1 A DG  1 1_555 A DC 8 8_665 A CBR 2 1_555 A DG 7 8_665 0.435 0.028 2.855 -1.570 0.447 26.863 -0.039 -1.285 2.826 0.961 3.375  
26.912 1 AA_DG1CBR2:DG7DC8_AA A 1 ? A 8 ? A 2 ? A 7 ? 
1 A CBR 2 1_555 A DG 7 8_665 A DG  3 1_555 A DA 6 8_665 0.522 1.479 3.232 0.007  7.032 52.631 1.198  -0.584 3.389 7.890 -0.008 
53.066 2 AA_CBR2DG3:DA6DG7_AA A 2 ? A 7 ? A 3 ? A 6 ? 
1 A DG  1 1_555 A DC 8 1_555 A CBR 2 1_555 A DG 7 1_555 0.435 0.028 2.855 -1.570 0.447 26.863 -0.039 -1.285 2.826 0.961 3.375  
26.912 3 AA_DG1CBR2:DG7DC8_AA A 1 ? A 8 ? A 2 ? A 7 ? 
1 A CBR 2 1_555 A DG 7 1_555 A DG  3 1_555 A DA 6 1_555 0.522 1.479 3.232 0.007  7.032 52.631 1.198  -0.584 3.389 7.890 -0.008 
53.066 4 AA_CBR2DG3:DA6DG7_AA A 2 ? A 7 ? A 3 ? A 6 ? 
# 
_atom_sites.entry_id                    1UHX 
_atom_sites.fract_transf_matrix[1][1]   -0.00875991 
_atom_sites.fract_transf_matrix[1][2]   0.02916861 
_atom_sites.fract_transf_matrix[1][3]   -0.00347319 
_atom_sites.fract_transf_matrix[2][1]   0.01230952 
_atom_sites.fract_transf_matrix[2][2]   0.02189574 
_atom_sites.fract_transf_matrix[2][3]   0.01756869 
_atom_sites.fract_transf_matrix[3][1]   0.01104372 
_atom_sites.fract_transf_matrix[3][2]   0.00208576 
_atom_sites.fract_transf_matrix[3][3]   -0.01033726 
_atom_sites.fract_transf_vector[1]      0.551763 
_atom_sites.fract_transf_vector[2]      0.517822 
_atom_sites.fract_transf_vector[3]      0.260798 
# 
loop_
_atom_type.symbol 
BR 
C  
CL 
CO 
MG 
N  
NA 
O  
P  
# 
loop_
_atom_site.group_PDB 
_atom_site.id 
_atom_site.type_symbol 
_atom_site.label_atom_id 
_atom_site.label_alt_id 
_atom_site.label_comp_id 
_atom_site.label_asym_id 
_atom_site.label_entity_id 
_atom_site.label_seq_id 
_atom_site.pdbx_PDB_ins_code 
_atom_site.Cartn_x 
_atom_site.Cartn_y 
_atom_site.Cartn_z 
_atom_site.occupancy 
_atom_site.B_iso_or_equiv 
_atom_site.pdbx_formal_charge 
_atom_site.auth_seq_id 
_atom_site.auth_comp_id 
_atom_site.auth_asym_id 
_atom_site.auth_atom_id 
_atom_site.pdbx_PDB_model_num 
ATOM   1   O  "O5'" . DG  A 1 1 ? -17.674 -0.674  8.288   1.00 35.77 ? 1  DG  A "O5'" 1 
ATOM   2   C  "C5'" . DG  A 1 1 ? -18.463 0.452   8.668   1.00 20.88 ? 1  DG  A "C5'" 1 
ATOM   3   C  "C4'" . DG  A 1 1 ? -17.769 1.762   8.372   1.00 19.83 ? 1  DG  A "C4'" 1 
ATOM   4   O  "O4'" . DG  A 1 1 ? -16.531 1.855   9.114   1.00 10.82 ? 1  DG  A "O4'" 1 
ATOM   5   C  "C3'" . DG  A 1 1 ? -17.406 2.004   6.907   1.00 14.39 ? 1  DG  A "C3'" 1 
ATOM   6   O  "O3'" . DG  A 1 1 ? -17.585 3.390   6.607   1.00 15.71 ? 1  DG  A "O3'" 1 
ATOM   7   C  "C2'" . DG  A 1 1 ? -15.951 1.566   6.824   1.00 13.77 ? 1  DG  A "C2'" 1 
ATOM   8   C  "C1'" . DG  A 1 1 ? -15.410 1.777   8.242   1.00 10.04 ? 1  DG  A "C1'" 1 
ATOM   9   N  N9    . DG  A 1 1 ? -14.543 0.707   8.732   1.00 13.43 ? 1  DG  A N9    1 
ATOM   10  C  C8    . DG  A 1 1 ? -14.663 -0.640  8.484   1.00 7.88  ? 1  DG  A C8    1 
ATOM   11  N  N7    . DG  A 1 1 ? -13.737 -1.355  9.070   1.00 10.45 ? 1  DG  A N7    1 
ATOM   12  C  C5    . DG  A 1 1 ? -12.959 -0.425  9.745   1.00 14.43 ? 1  DG  A C5    1 
ATOM   13  C  C6    . DG  A 1 1 ? -11.798 -0.603  10.555  1.00 5.97  ? 1  DG  A C6    1 
ATOM   14  O  O6    . DG  A 1 1 ? -11.208 -1.649  10.836  1.00 8.57  ? 1  DG  A O6    1 
ATOM   15  N  N1    . DG  A 1 1 ? -11.328 0.611   11.048  1.00 7.61  ? 1  DG  A N1    1 
ATOM   16  C  C2    . DG  A 1 1 ? -11.896 1.836   10.797  1.00 13.49 ? 1  DG  A C2    1 
ATOM   17  N  N2    . DG  A 1 1 ? -11.314 2.889   11.386  1.00 7.24  ? 1  DG  A N2    1 
ATOM   18  N  N3    . DG  A 1 1 ? -12.962 2.015   10.032  1.00 8.46  ? 1  DG  A N3    1 
ATOM   19  C  C4    . DG  A 1 1 ? -13.440 0.852   9.546   1.00 14.67 ? 1  DG  A C4    1 
HETATM 20  BR BR    . CBR A 1 2 ? -13.227 -1.135  5.200   1.00 14.08 ? 2  CBR A BR    1 
HETATM 21  P  P     . CBR A 1 2 ? -17.173 3.971   5.162   1.00 18.14 ? 2  CBR A P     1 
HETATM 22  O  OP1   . CBR A 1 2 ? -17.937 5.228   4.993   1.00 24.00 ? 2  CBR A OP1   1 
HETATM 23  O  OP2   . CBR A 1 2 ? -17.242 2.919   4.110   1.00 18.50 ? 2  CBR A OP2   1 
HETATM 24  O  "O5'" . CBR A 1 2 ? -15.644 4.369   5.359   1.00 17.77 ? 2  CBR A "O5'" 1 
HETATM 25  N  N1    . CBR A 1 2 ? -11.753 2.532   6.512   1.00 12.62 ? 2  CBR A N1    1 
HETATM 26  C  C6    . CBR A 1 2 ? -12.432 1.560   5.824   1.00 9.34  ? 2  CBR A C6    1 
HETATM 27  C  C2    . CBR A 1 2 ? -10.770 2.175   7.448   1.00 11.76 ? 2  CBR A C2    1 
HETATM 28  O  O2    . CBR A 1 2 ? -10.197 3.068   8.082   1.00 10.72 ? 2  CBR A O2    1 
HETATM 29  N  N3    . CBR A 1 2 ? -10.479 0.870   7.643   1.00 17.88 ? 2  CBR A N3    1 
HETATM 30  C  C4    . CBR A 1 2 ? -11.134 -0.069  6.955   1.00 18.32 ? 2  CBR A C4    1 
HETATM 31  N  N4    . CBR A 1 2 ? -10.791 -1.345  7.151   1.00 8.77  ? 2  CBR A N4    1 
HETATM 32  C  C5    . CBR A 1 2 ? -12.161 0.259   6.025   1.00 18.96 ? 2  CBR A C5    1 
HETATM 33  C  "C2'" . CBR A 1 2 ? -12.245 4.400   4.856   1.00 11.56 ? 2  CBR A "C2'" 1 
HETATM 34  C  "C5'" . CBR A 1 2 ? -15.276 5.379   6.297   1.00 14.53 ? 2  CBR A "C5'" 1 
HETATM 35  C  "C4'" . CBR A 1 2 ? -13.772 5.489   6.375   1.00 18.95 ? 2  CBR A "C4'" 1 
HETATM 36  O  "O4'" . CBR A 1 2 ? -13.226 4.283   6.959   1.00 13.44 ? 2  CBR A "O4'" 1 
HETATM 37  C  "C1'" . CBR A 1 2 ? -12.026 3.965   6.296   1.00 9.83  ? 2  CBR A "C1'" 1 
HETATM 38  C  "C3'" . CBR A 1 2 ? -13.091 5.656   5.013   1.00 13.94 ? 2  CBR A "C3'" 1 
HETATM 39  O  "O3'" . CBR A 1 2 ? -12.306 6.854   5.013   1.00 21.73 ? 2  CBR A "O3'" 1 
ATOM   40  P  P     . DG  A 1 3 ? -11.663 7.393   3.641   1.00 25.08 ? 3  DG  A P     1 
ATOM   41  O  OP1   . DG  A 1 3 ? -11.517 8.856   3.784   1.00 28.49 ? 3  DG  A OP1   1 
ATOM   42  O  OP2   . DG  A 1 3 ? -12.428 6.841   2.492   1.00 29.99 ? 3  DG  A OP2   1 
ATOM   43  O  "O5'" . DG  A 1 3 ? -10.213 6.738   3.639   1.00 17.91 ? 3  DG  A "O5'" 1 
ATOM   44  C  "C5'" . DG  A 1 3 ? -9.460  6.653   4.847   1.00 19.06 ? 3  DG  A "C5'" 1 
ATOM   45  C  "C4'" . DG  A 1 3 ? -8.405  5.576   4.741   1.00 19.89 ? 3  DG  A "C4'" 1 
ATOM   46  O  "O4'" . DG  A 1 3 ? -9.023  4.267   4.646   1.00 17.40 ? 3  DG  A "O4'" 1 
ATOM   47  C  "C3'" . DG  A 1 3 ? -7.457  5.683   3.541   1.00 18.97 ? 3  DG  A "C3'" 1 
ATOM   48  O  "O3'" . DG  A 1 3 ? -6.142  5.303   3.959   1.00 23.55 ? 3  DG  A "O3'" 1 
ATOM   49  C  "C2'" . DG  A 1 3 ? -7.992  4.619   2.598   1.00 20.49 ? 3  DG  A "C2'" 1 
ATOM   50  C  "C1'" . DG  A 1 3 ? -8.376  3.558   3.607   1.00 18.47 ? 3  DG  A "C1'" 1 
ATOM   51  N  N9    . DG  A 1 3 ? -9.269  2.513   3.121   1.00 14.49 ? 3  DG  A N9    1 
ATOM   52  C  C8    . DG  A 1 3 ? -10.281 2.630   2.195   1.00 12.82 ? 3  DG  A C8    1 
ATOM   53  N  N7    . DG  A 1 3 ? -10.866 1.494   1.929   1.00 13.24 ? 3  DG  A N7    1 
ATOM   54  C  C5    . DG  A 1 3 ? -10.207 0.571   2.734   1.00 7.31  ? 3  DG  A C5    1 
ATOM   55  C  C6    . DG  A 1 3 ? -10.387 -0.836  2.871   1.00 8.17  ? 3  DG  A C6    1 
ATOM   56  O  O6    . DG  A 1 3 ? -11.179 -1.581  2.271   1.00 9.49  ? 3  DG  A O6    1 
ATOM   57  N  N1    . DG  A 1 3 ? -9.514  -1.372  3.811   1.00 12.60 ? 3  DG  A N1    1 
ATOM   58  C  C2    . DG  A 1 3 ? -8.574  -0.658  4.519   1.00 11.03 ? 3  DG  A C2    1 
ATOM   59  N  N2    . DG  A 1 3 ? -7.825  -1.357  5.387   1.00 15.29 ? 3  DG  A N2    1 
ATOM   60  N  N3    . DG  A 1 3 ? -8.385  0.647   4.387   1.00 15.71 ? 3  DG  A N3    1 
ATOM   61  C  C4    . DG  A 1 3 ? -9.231  1.192   3.489   1.00 15.76 ? 3  DG  A C4    1 
ATOM   62  P  P     . DA  A 1 4 ? -4.858  5.774   3.116   1.00 19.92 ? 4  DA  A P     1 
ATOM   63  O  OP1   . DA  A 1 4 ? -4.352  7.000   3.782   1.00 29.28 ? 4  DA  A OP1   1 
ATOM   64  O  OP2   . DA  A 1 4 ? -5.199  5.811   1.672   1.00 30.05 ? 4  DA  A OP2   1 
ATOM   65  O  "O5'" . DA  A 1 4 ? -3.813  4.594   3.344   1.00 18.94 ? 4  DA  A "O5'" 1 
ATOM   66  C  "C5'" . DA  A 1 4 ? -3.574  4.072   4.649   1.00 14.88 ? 4  DA  A "C5'" 1 
ATOM   67  C  "C4'" . DA  A 1 4 ? -3.525  2.562   4.609   1.00 17.63 ? 4  DA  A "C4'" 1 
ATOM   68  O  "O4'" . DA  A 1 4 ? -4.827  2.002   4.351   1.00 16.07 ? 4  DA  A "O4'" 1 
ATOM   69  C  "C3'" . DA  A 1 4 ? -2.627  1.980   3.529   1.00 20.56 ? 4  DA  A "C3'" 1 
ATOM   70  O  "O3'" . DA  A 1 4 ? -1.289  1.903   4.017   1.00 29.60 ? 4  DA  A "O3'" 1 
ATOM   71  C  "C2'" . DA  A 1 4 ? -3.211  0.596   3.307   1.00 13.11 ? 4  DA  A "C2'" 1 
ATOM   72  C  "C1'" . DA  A 1 4 ? -4.691  0.762   3.667   1.00 10.44 ? 4  DA  A "C1'" 1 
ATOM   73  N  N9    . DA  A 1 4 ? -5.602  0.787   2.522   1.00 13.87 ? 4  DA  A N9    1 
ATOM   74  C  C8    . DA  A 1 4 ? -5.985  1.875   1.775   1.00 10.93 ? 4  DA  A C8    1 
ATOM   75  N  N7    . DA  A 1 4 ? -6.859  1.590   0.835   1.00 17.30 ? 4  DA  A N7    1 
ATOM   76  C  C5    . DA  A 1 4 ? -7.050  0.221   0.964   1.00 16.50 ? 4  DA  A C5    1 
ATOM   77  C  C6    . DA  A 1 4 ? -7.861  -0.693  0.261   1.00 13.68 ? 4  DA  A C6    1 
ATOM   78  N  N6    . DA  A 1 4 ? -8.673  -0.344  -0.740  1.00 22.13 ? 4  DA  A N6    1 
ATOM   79  N  N1    . DA  A 1 4 ? -7.812  -1.991  0.632   1.00 19.50 ? 4  DA  A N1    1 
ATOM   80  C  C2    . DA  A 1 4 ? -7.001  -2.339  1.643   1.00 23.97 ? 4  DA  A C2    1 
ATOM   81  N  N3    . DA  A 1 4 ? -6.197  -1.573  2.383   1.00 20.57 ? 4  DA  A N3    1 
ATOM   82  C  C4    . DA  A 1 4 ? -6.271  -0.289  1.989   1.00 13.15 ? 4  DA  A C4    1 
ATOM   83  P  P     . DG  A 1 5 ? -0.115  2.653   3.222   1.00 34.54 ? 5  DG  A P     1 
ATOM   84  O  OP1   . DG  A 1 5 ? 1.131   2.487   4.017   1.00 40.68 ? 5  DG  A OP1   1 
ATOM   85  O  OP2   . DG  A 1 5 ? -0.576  4.019   2.859   1.00 34.73 ? 5  DG  A OP2   1 
ATOM   86  O  "O5'" . DG  A 1 5 ? 0.032   1.810   1.887   1.00 19.51 ? 5  DG  A "O5'" 1 
ATOM   87  C  "C5'" . DG  A 1 5 ? 1.165   1.987   1.046   1.00 38.84 ? 5  DG  A "C5'" 1 
ATOM   88  C  "C4'" . DG  A 1 5 ? 1.302   0.812   0.109   1.00 35.67 ? 5  DG  A "C4'" 1 
ATOM   89  O  "O4'" . DG  A 1 5 ? 0.130   0.713   -0.735  1.00 41.46 ? 5  DG  A "O4'" 1 
ATOM   90  C  "C3'" . DG  A 1 5 ? 2.507   0.880   -0.824  1.00 40.81 ? 5  DG  A "C3'" 1 
ATOM   91  O  "O3'" . DG  A 1 5 ? 3.170   -0.383  -0.840  1.00 44.24 ? 5  DG  A "O3'" 1 
ATOM   92  C  "C2'" . DG  A 1 5 ? 1.909   1.202   -2.181  1.00 37.51 ? 5  DG  A "C2'" 1 
ATOM   93  C  "C1'" . DG  A 1 5 ? 0.512   0.615   -2.095  1.00 31.82 ? 5  DG  A "C1'" 1 
ATOM   94  N  N9    . DG  A 1 5 ? -0.470  1.350   -2.884  1.00 29.98 ? 5  DG  A N9    1 
ATOM   95  C  C8    . DG  A 1 5 ? -0.570  2.715   -3.005  1.00 34.58 ? 5  DG  A C8    1 
ATOM   96  N  N7    . DG  A 1 5 ? -1.540  3.089   -3.793  1.00 36.03 ? 5  DG  A N7    1 
ATOM   97  C  C5    . DG  A 1 5 ? -2.118  1.901   -4.214  1.00 28.17 ? 5  DG  A C5    1 
ATOM   98  C  C6    . DG  A 1 5 ? -3.213  1.672   -5.088  1.00 31.74 ? 5  DG  A C6    1 
ATOM   99  O  O6    . DG  A 1 5 ? -3.910  2.503   -5.681  1.00 31.92 ? 5  DG  A O6    1 
ATOM   100 N  N1    . DG  A 1 5 ? -3.469  0.314   -5.243  1.00 20.60 ? 5  DG  A N1    1 
ATOM   101 C  C2    . DG  A 1 5 ? -2.762  -0.697  -4.638  1.00 22.47 ? 5  DG  A C2    1 
ATOM   102 N  N2    . DG  A 1 5 ? -3.162  -1.944  -4.916  1.00 36.71 ? 5  DG  A N2    1 
ATOM   103 N  N3    . DG  A 1 5 ? -1.739  -0.499  -3.822  1.00 33.68 ? 5  DG  A N3    1 
ATOM   104 C  C4    . DG  A 1 5 ? -1.473  0.817   -3.658  1.00 30.62 ? 5  DG  A C4    1 
ATOM   105 P  P     . DA  A 1 6 ? 4.736   -0.457  -0.511  1.00 32.41 ? 6  DA  A P     1 
ATOM   106 O  OP1   . DA  A 1 6 ? 4.899   -0.195  0.940   1.00 39.11 ? 6  DA  A OP1   1 
ATOM   107 O  OP2   . DA  A 1 6 ? 5.449   0.400   -1.494  1.00 44.95 ? 6  DA  A OP2   1 
ATOM   108 O  "O5'" . DA  A 1 6 ? 5.109   -1.977  -0.795  1.00 34.86 ? 6  DA  A "O5'" 1 
ATOM   109 C  "C5'" . DA  A 1 6 ? 4.600   -3.020  0.030   1.00 24.36 ? 6  DA  A "C5'" 1 
ATOM   110 C  "C4'" . DA  A 1 6 ? 5.442   -4.264  -0.127  1.00 25.91 ? 6  DA  A "C4'" 1 
ATOM   111 O  "O4'" . DA  A 1 6 ? 5.250   -4.839  -1.441  1.00 20.41 ? 6  DA  A "O4'" 1 
ATOM   112 C  "C3'" . DA  A 1 6 ? 6.945   -4.029  -0.002  1.00 20.10 ? 6  DA  A "C3'" 1 
ATOM   113 O  "O3'" . DA  A 1 6 ? 7.561   -5.203  0.536   1.00 27.67 ? 6  DA  A "O3'" 1 
ATOM   114 C  "C2'" . DA  A 1 6 ? 7.369   -3.796  -1.443  1.00 10.67 ? 6  DA  A "C2'" 1 
ATOM   115 C  "C1'" . DA  A 1 6 ? 6.459   -4.760  -2.193  1.00 17.28 ? 6  DA  A "C1'" 1 
ATOM   116 N  N9    . DA  A 1 6 ? 6.101   -4.375  -3.559  1.00 14.84 ? 6  DA  A N9    1 
ATOM   117 C  C8    . DA  A 1 6 ? 5.894   -3.118  -4.077  1.00 10.35 ? 6  DA  A C8    1 
ATOM   118 N  N7    . DA  A 1 6 ? 5.528   -3.121  -5.339  1.00 10.21 ? 6  DA  A N7    1 
ATOM   119 C  C5    . DA  A 1 6 ? 5.503   -4.470  -5.677  1.00 10.89 ? 6  DA  A C5    1 
ATOM   120 C  C6    . DA  A 1 6 ? 5.184   -5.144  -6.871  1.00 12.77 ? 6  DA  A C6    1 
ATOM   121 N  N6    . DA  A 1 6 ? 4.799   -4.526  -7.992  1.00 19.89 ? 6  DA  A N6    1 
ATOM   122 N  N1    . DA  A 1 6 ? 5.271   -6.495  -6.876  1.00 18.60 ? 6  DA  A N1    1 
ATOM   123 C  C2    . DA  A 1 6 ? 5.646   -7.115  -5.748  1.00 12.63 ? 6  DA  A C2    1 
ATOM   124 N  N3    . DA  A 1 6 ? 5.960   -6.593  -4.564  1.00 12.22 ? 6  DA  A N3    1 
ATOM   125 C  C4    . DA  A 1 6 ? 5.867   -5.251  -4.595  1.00 13.17 ? 6  DA  A C4    1 
ATOM   126 P  P     . DG  A 1 7 ? 9.118   -5.178  0.928   1.00 27.66 ? 7  DG  A P     1 
ATOM   127 O  OP1   . DG  A 1 7 ? 9.323   -6.169  2.015   1.00 31.32 ? 7  DG  A OP1   1 
ATOM   128 O  OP2   . DG  A 1 7 ? 9.512   -3.761  1.137   1.00 24.06 ? 7  DG  A OP2   1 
ATOM   129 O  "O5'" . DG  A 1 7 ? 9.840   -5.716  -0.381  1.00 22.00 ? 7  DG  A "O5'" 1 
ATOM   130 C  "C5'" . DG  A 1 7 ? 9.499   -6.990  -0.923  1.00 10.81 ? 7  DG  A "C5'" 1 
ATOM   131 C  "C4'" . DG  A 1 7 ? 9.978   -7.090  -2.350  1.00 25.34 ? 7  DG  A "C4'" 1 
ATOM   132 O  "O4'" . DG  A 1 7 ? 9.270   -6.128  -3.155  1.00 18.16 ? 7  DG  A "O4'" 1 
ATOM   133 C  "C3'" . DG  A 1 7 ? 11.462  -6.774  -2.548  1.00 29.05 ? 7  DG  A "C3'" 1 
ATOM   134 O  "O3'" . DG  A 1 7 ? 12.205  -7.983  -2.710  1.00 35.64 ? 7  DG  A "O3'" 1 
ATOM   135 C  "C2'" . DG  A 1 7 ? 11.510  -5.934  -3.817  1.00 11.88 ? 7  DG  A "C2'" 1 
ATOM   136 C  "C1'" . DG  A 1 7 ? 10.059  -5.866  -4.289  1.00 11.43 ? 7  DG  A "C1'" 1 
ATOM   137 N  N9    . DG  A 1 7 ? 9.657   -4.568  -4.816  1.00 17.92 ? 7  DG  A N9    1 
ATOM   138 C  C8    . DG  A 1 7 ? 9.808   -3.337  -4.221  1.00 9.68  ? 7  DG  A C8    1 
ATOM   139 N  N7    . DG  A 1 7 ? 9.358   -2.357  -4.956  1.00 11.51 ? 7  DG  A N7    1 
ATOM   140 C  C5    . DG  A 1 7 ? 8.878   -2.979  -6.099  1.00 12.87 ? 7  DG  A C5    1 
ATOM   141 C  C6    . DG  A 1 7 ? 8.277   -2.433  -7.261  1.00 10.71 ? 7  DG  A C6    1 
ATOM   142 O  O6    . DG  A 1 7 ? 8.051   -1.250  -7.522  1.00 12.17 ? 7  DG  A O6    1 
ATOM   143 N  N1    . DG  A 1 7 ? 7.937   -3.426  -8.178  1.00 5.89  ? 7  DG  A N1    1 
ATOM   144 C  C2    . DG  A 1 7 ? 8.159   -4.771  -8.002  1.00 19.68 ? 7  DG  A C2    1 
ATOM   145 N  N2    . DG  A 1 7 ? 7.778   -5.577  -9.003  1.00 8.92  ? 7  DG  A N2    1 
ATOM   146 N  N3    . DG  A 1 7 ? 8.720   -5.292  -6.923  1.00 13.80 ? 7  DG  A N3    1 
ATOM   147 C  C4    . DG  A 1 7 ? 9.052   -4.345  -6.024  1.00 14.13 ? 7  DG  A C4    1 
ATOM   148 P  P     . DC  A 1 8 ? 13.809  -7.927  -2.802  1.00 25.44 ? 8  DC  A P     1 
ATOM   149 O  OP1   . DC  A 1 8 ? 14.310  -9.132  -2.095  1.00 39.26 ? 8  DC  A OP1   1 
ATOM   150 O  OP2   . DC  A 1 8 ? 14.269  -6.585  -2.374  1.00 26.52 ? 8  DC  A OP2   1 
ATOM   151 O  "O5'" . DC  A 1 8 ? 14.086  -8.100  -4.362  1.00 26.11 ? 8  DC  A "O5'" 1 
ATOM   152 C  "C5'" . DC  A 1 8 ? 13.658  -9.277  -5.046  1.00 29.59 ? 8  DC  A "C5'" 1 
ATOM   153 C  "C4'" . DC  A 1 8 ? 13.410  -8.989  -6.510  1.00 23.72 ? 8  DC  A "C4'" 1 
ATOM   154 O  "O4'" . DC  A 1 8 ? 12.359  -8.021  -6.696  1.00 17.95 ? 8  DC  A "O4'" 1 
ATOM   155 C  "C3'" . DC  A 1 8 ? 14.573  -8.410  -7.302  1.00 27.30 ? 8  DC  A "C3'" 1 
ATOM   156 O  "O3'" . DC  A 1 8 ? 15.621  -9.344  -7.575  1.00 29.03 ? 8  DC  A "O3'" 1 
ATOM   157 C  "C2'" . DC  A 1 8 ? 13.872  -7.859  -8.532  1.00 15.08 ? 8  DC  A "C2'" 1 
ATOM   158 C  "C1'" . DC  A 1 8 ? 12.468  -7.498  -8.024  1.00 11.39 ? 8  DC  A "C1'" 1 
ATOM   159 N  N1    . DC  A 1 8 ? 12.220  -6.044  -7.970  1.00 16.54 ? 8  DC  A N1    1 
ATOM   160 C  C2    . DC  A 1 8 ? 11.393  -5.458  -8.946  1.00 16.19 ? 8  DC  A C2    1 
ATOM   161 O  O2    . DC  A 1 8 ? 10.873  -6.182  -9.807  1.00 12.67 ? 8  DC  A O2    1 
ATOM   162 N  N3    . DC  A 1 8 ? 11.186  -4.118  -8.922  1.00 10.13 ? 8  DC  A N3    1 
ATOM   163 C  C4    . DC  A 1 8 ? 11.763  -3.370  -7.978  1.00 14.22 ? 8  DC  A C4    1 
ATOM   164 N  N4    . DC  A 1 8 ? 11.540  -2.053  -8.001  1.00 14.09 ? 8  DC  A N4    1 
ATOM   165 C  C5    . DC  A 1 8 ? 12.599  -3.942  -6.967  1.00 14.28 ? 8  DC  A C5    1 
ATOM   166 C  C6    . DC  A 1 8 ? 12.795  -5.270  -7.002  1.00 13.98 ? 8  DC  A C6    1 
HETATM 167 MG MG    . MG  B 2 . ? 9.286   1.957   -5.079  1.00 14.75 ? 79 MG  A MG    1 
HETATM 168 CL CL    . CL  C 3 . ? -3.424  1.695   -10.213 0.33 26.90 ? 80 CL  A CL    1 
HETATM 169 NA NA    . NA  D 4 . ? -6.360  1.115   -7.478  0.33 51.66 ? 81 NA  A NA    1 
HETATM 170 CO CO    . NCO E 5 . ? -14.160 -0.333  -0.166  0.33 6.47  ? 78 NCO A CO    1 
HETATM 171 N  N1    . NCO E 5 . ? -13.086 1.284   -0.369  0.33 9.13  ? 78 NCO A N1    1 
HETATM 172 N  N2    . NCO E 5 . ? -13.905 -0.263  1.768   0.33 4.24  ? 78 NCO A N2    1 
HETATM 173 N  N3    . NCO E 5 . ? -12.543 -1.421  -0.307  0.33 9.46  ? 78 NCO A N3    1 
HETATM 174 N  N4    . NCO E 5 . ? -14.423 -0.400  -2.100  0.33 9.48  ? 78 NCO A N4    1 
HETATM 175 N  N5    . NCO E 5 . ? -15.773 0.756   -0.030  0.33 4.21  ? 78 NCO A N5    1 
HETATM 176 N  N6    . NCO E 5 . ? -15.233 -1.948  0.033   0.33 4.32  ? 78 NCO A N6    1 
HETATM 177 O  O     . HOH F 6 . ? 10.348  0.315   -3.722  1.00 43.59 ? 9  HOH A O     1 
HETATM 178 O  O     . HOH F 6 . ? -12.062 5.260   9.584   1.00 16.12 ? 10 HOH A O     1 
HETATM 179 O  O     . HOH F 6 . ? 6.335   2.618   -9.748  1.00 17.73 ? 11 HOH A O     1 
HETATM 180 O  O     . HOH F 6 . ? -14.592 2.326   2.812   1.00 20.45 ? 12 HOH A O     1 
HETATM 181 O  O     . HOH F 6 . ? -7.249  5.804   8.085   1.00 17.60 ? 13 HOH A O     1 
HETATM 182 O  O     . HOH F 6 . ? 9.139   1.682   -9.344  1.00 34.78 ? 14 HOH A O     1 
HETATM 183 O  O     . HOH F 6 . ? 17.900  -1.205  -5.134  1.00 19.28 ? 15 HOH A O     1 
HETATM 184 O  O     . HOH F 6 . ? 14.690  0.810   -7.498  1.00 21.39 ? 16 HOH A O     1 
HETATM 185 O  O     . HOH F 6 . ? 4.507   0.104   -3.845  1.00 24.58 ? 17 HOH A O     1 
HETATM 186 O  O     . HOH F 6 . ? 11.577  -1.920  -1.315  1.00 30.25 ? 18 HOH A O     1 
HETATM 187 O  O     . HOH F 6 . ? 12.823  -0.474  -5.970  1.00 18.80 ? 19 HOH A O     1 
HETATM 188 O  O     . HOH F 6 . ? 13.565  2.291   -3.788  1.00 34.44 ? 20 HOH A O     1 
HETATM 189 O  O     . HOH F 6 . ? 2.563   4.256   -9.206  1.00 26.31 ? 21 HOH A O     1 
HETATM 190 O  O     . HOH F 6 . ? 5.662   -3.400  3.842   1.00 61.51 ? 22 HOH A O     1 
HETATM 191 O  O     . HOH F 6 . ? 0.497   -14.352 -1.622  1.00 75.26 ? 23 HOH A O     1 
HETATM 192 O  O     . HOH F 6 . ? 0.013   -1.570  0.738   0.50 87.55 ? 24 HOH A O     1 
HETATM 193 O  O     . HOH F 6 . ? 11.616  -9.819  1.609   1.00 35.37 ? 25 HOH A O     1 
HETATM 194 O  O     . HOH F 6 . ? 9.053   6.265   -5.024  1.00 61.62 ? 26 HOH A O     1 
HETATM 195 O  O     . HOH F 6 . ? 9.942   0.738   -7.037  1.00 25.82 ? 27 HOH A O     1 
HETATM 196 O  O     . HOH F 6 . ? 14.695  4.929   -5.585  1.00 37.56 ? 28 HOH A O     1 
HETATM 197 O  O     . HOH F 6 . ? 7.200   0.783   -5.108  1.00 55.22 ? 29 HOH A O     1 
HETATM 198 O  O     . HOH F 6 . ? 15.179  -0.798  -1.255  1.00 40.48 ? 30 HOH A O     1 
HETATM 199 O  O     . HOH F 6 . ? 8.755   -8.226  -7.047  1.00 24.14 ? 31 HOH A O     1 
HETATM 200 O  O     . HOH F 6 . ? 3.924   -10.313 -3.768  1.00 45.65 ? 32 HOH A O     1 
HETATM 201 O  O     . HOH F 6 . ? 15.355  0.169   -4.022  1.00 28.51 ? 33 HOH A O     1 
HETATM 202 O  O     . HOH F 6 . ? 4.815   2.484   -7.503  1.00 37.74 ? 34 HOH A O     1 
HETATM 203 O  O     . HOH F 6 . ? 8.170   -8.597  -9.567  1.00 42.50 ? 35 HOH A O     1 
HETATM 204 O  O     . HOH F 6 . ? -6.234  11.123  10.272  1.00 51.24 ? 36 HOH A O     1 
HETATM 205 O  O     . HOH F 6 . ? -10.690 10.443  15.920  0.50 50.35 ? 37 HOH A O     1 
HETATM 206 O  O     . HOH F 6 . ? -4.326  8.603   11.614  1.00 63.85 ? 38 HOH A O     1 
HETATM 207 O  O     . HOH F 6 . ? -9.746  6.349   8.278   1.00 47.51 ? 39 HOH A O     1 
HETATM 208 O  O     . HOH F 6 . ? 0.788   4.402   -6.538  1.00 29.18 ? 40 HOH A O     1 
HETATM 209 O  O     . HOH F 6 . ? 12.785  2.814   -7.758  1.00 34.63 ? 41 HOH A O     1 
HETATM 210 O  O     . HOH F 6 . ? -4.664  9.030   15.300  1.00 55.97 ? 42 HOH A O     1 
HETATM 211 O  O     . HOH F 6 . ? 5.507   6.217   1.426   1.00 62.49 ? 43 HOH A O     1 
HETATM 212 O  O     . HOH F 6 . ? 7.813   6.407   -2.102  1.00 37.48 ? 44 HOH A O     1 
HETATM 213 O  O     . HOH F 6 . ? 6.881   -5.547  7.273   0.50 52.75 ? 45 HOH A O     1 
HETATM 214 O  O     . HOH F 6 . ? 12.047  -3.415  4.156   0.33 89.97 ? 46 HOH A O     1 
HETATM 215 O  O     . HOH F 6 . ? 11.376  3.133   -5.064  1.00 36.37 ? 47 HOH A O     1 
HETATM 216 O  O     . HOH F 6 . ? 8.420   3.021   -3.133  1.00 31.12 ? 48 HOH A O     1 
HETATM 217 O  O     . HOH F 6 . ? -3.057  4.504   -7.599  1.00 31.69 ? 49 HOH A O     1 
HETATM 218 O  O     . HOH F 6 . ? 7.615   8.516   2.022   1.00 54.88 ? 50 HOH A O     1 
HETATM 219 O  O     . HOH F 6 . ? 6.524   -1.196  2.729   1.00 43.45 ? 51 HOH A O     1 
HETATM 220 O  O     . HOH F 6 . ? 0.238   6.067   -4.403  1.00 36.19 ? 52 HOH A O     1 
HETATM 221 O  O     . HOH F 6 . ? 10.636  -8.468  -11.415 1.00 42.67 ? 53 HOH A O     1 
HETATM 222 O  O     . HOH F 6 . ? 7.759   9.191   -2.524  1.00 87.36 ? 54 HOH A O     1 
HETATM 223 O  O     . HOH F 6 . ? 3.998   -7.961  -1.334  1.00 29.83 ? 55 HOH A O     1 
HETATM 224 O  O     . HOH F 6 . ? 13.820  -0.377  2.343   1.00 83.59 ? 56 HOH A O     1 
HETATM 225 O  O     . HOH F 6 . ? 14.349  -8.827  0.769   1.00 31.84 ? 57 HOH A O     1 
HETATM 226 O  O     . HOH F 6 . ? 0.494   -9.722  -3.945  1.00 46.51 ? 58 HOH A O     1 
HETATM 227 O  O     . HOH F 6 . ? 19.689  -1.923  -2.926  0.33 28.11 ? 59 HOH A O     1 
HETATM 228 O  O     . HOH F 6 . ? 14.949  4.399   -8.230  1.00 40.70 ? 60 HOH A O     1 
HETATM 229 O  O     . HOH F 6 . ? 10.232  -3.729  5.898   0.33 63.25 ? 61 HOH A O     1 
HETATM 230 O  O     . HOH F 6 . ? 13.384  -2.005  -3.786  1.00 32.33 ? 62 HOH A O     1 
HETATM 231 O  O     . HOH F 6 . ? -5.266  8.732   -4.243  1.00 23.18 ? 63 HOH A O     1 
HETATM 232 O  O     . HOH F 6 . ? 8.129   -8.192  5.701   1.00 44.55 ? 64 HOH A O     1 
HETATM 233 O  O     . HOH F 6 . ? 7.190   -7.956  2.720   1.00 81.23 ? 65 HOH A O     1 
HETATM 234 O  O     . HOH F 6 . ? -3.911  9.295   -1.358  1.00 59.25 ? 66 HOH A O     1 
HETATM 235 O  O     . HOH F 6 . ? 8.255   3.612   -6.463  1.00 38.44 ? 67 HOH A O     1 
HETATM 236 O  O     . HOH F 6 . ? 3.870   4.389   -0.477  1.00 47.74 ? 68 HOH A O     1 
HETATM 237 O  O     . HOH F 6 . ? 16.485  6.110   -9.392  1.00 44.00 ? 69 HOH A O     1 
HETATM 238 O  O     . HOH F 6 . ? 4.725   7.807   -0.779  1.00 46.10 ? 70 HOH A O     1 
HETATM 239 O  O     . HOH F 6 . ? 3.732   7.716   -3.180  1.00 37.13 ? 71 HOH A O     1 
HETATM 240 O  O     . HOH F 6 . ? -2.940  5.258   -3.722  1.00 40.09 ? 72 HOH A O     1 
HETATM 241 O  O     . HOH F 6 . ? 10.090  7.835   -2.630  1.00 78.94 ? 73 HOH A O     1 
HETATM 242 O  O     . HOH F 6 . ? -6.330  8.064   6.908   1.00 49.89 ? 74 HOH A O     1 
HETATM 243 O  O     . HOH F 6 . ? 13.914  -3.006  2.491   0.33 45.52 ? 75 HOH A O     1 
HETATM 244 O  O     . HOH F 6 . ? 10.420  15.853  -2.443  1.00 43.29 ? 76 HOH A O     1 
HETATM 245 O  O     . HOH F 6 . ? -5.127  10.838  7.233   1.00 48.28 ? 77 HOH A O     1 
# 
